data_6SWH
#
_entry.id   6SWH
#
_cell.length_a   198.350
_cell.length_b   198.350
_cell.length_c   87.560
_cell.angle_alpha   90.000
_cell.angle_beta   90.000
_cell.angle_gamma   120.000
#
_symmetry.space_group_name_H-M   'P 61'
#
loop_
_entity.id
_entity.type
_entity.pdbx_description
1 polymer 'Chaperone protein FimC'
2 polymer 'Fimbrin-like protein FimI'
3 polymer 'Type-1 fimbrial protein, A chain'
4 non-polymer DI(HYDROXYETHYL)ETHER
5 non-polymer 1,2-ETHANEDIOL
6 water water
#
loop_
_entity_poly.entity_id
_entity_poly.type
_entity_poly.pdbx_seq_one_letter_code
_entity_poly.pdbx_strand_id
1 'polypeptide(L)'
;GVALGATRVIYPAGQKQEQLAVTNNDENSTYLIQSWVENADGVKDGRFIVTPPLFAMKGKKENTLRILDATNNQLPQDRE
SLFWMNVKAIPSMDKSKLTENTLQLAIISRIKLYYRPAKLALPPDQAAEKLRFRRSANSLTLINPTPYYLTVTELNAGTR
VLENALVPPMGESTVKLPSDAGSNITYRTINDYGALTPKMTGVME
;
A,D
2 'polypeptide(L)'
;GNKWNTTLPGGNMQFQGVIIAETCRIEAGDKQMTVNMGQISSNRFHAVGEDSAPVPFVIHLRECSTVVSERVGVAFHGVA
DGKNPDVLSVGEGPGIATNIGVALFDDEGNLVPINRPPANWKRLYSGSTSLHFIAKYRATGRRVTGGIANAQAWFSLTYQ
;
B,E
3 'polypeptide(L)'
;MHHHHHHGEVVNAACAVDAGSVDQTVQLGQVRTASLAQEGATSSAVGFNIQLNDCDTNVASKAAVAFLGTAIDAGHTNVL
ALQSSAAGSATNVGVQILDRTGAALTLDGATFSSETTLNNGTNTIPFQARYFATGAATPGAANADATFKVQYQ
;
C,F
#
# COMPACT_ATOMS: atom_id res chain seq x y z
N GLY A 1 9.21 -1.83 -18.04
CA GLY A 1 9.66 -0.66 -17.32
C GLY A 1 9.55 0.64 -18.10
N VAL A 2 10.00 1.72 -17.46
CA VAL A 2 9.91 3.07 -18.00
C VAL A 2 11.31 3.50 -18.44
N ALA A 3 11.36 4.24 -19.55
CA ALA A 3 12.60 4.77 -20.08
C ALA A 3 12.33 6.14 -20.69
N LEU A 4 13.39 6.91 -20.85
CA LEU A 4 13.34 8.22 -21.46
C LEU A 4 14.00 8.19 -22.83
N GLY A 5 13.53 9.05 -23.72
CA GLY A 5 13.96 9.04 -25.11
C GLY A 5 15.18 9.88 -25.39
N ALA A 6 15.99 10.15 -24.37
CA ALA A 6 17.20 10.94 -24.51
C ALA A 6 17.98 10.88 -23.21
N THR A 7 19.31 10.87 -23.33
CA THR A 7 20.18 11.02 -22.19
C THR A 7 20.49 12.47 -21.88
N ARG A 8 20.01 13.39 -22.71
CA ARG A 8 20.22 14.82 -22.48
C ARG A 8 19.28 15.60 -23.38
N VAL A 9 18.92 16.80 -22.94
CA VAL A 9 18.09 17.70 -23.71
C VAL A 9 18.86 18.98 -23.94
N ILE A 10 18.96 19.39 -25.19
CA ILE A 10 19.56 20.66 -25.56
C ILE A 10 18.42 21.63 -25.81
N TYR A 11 18.22 22.58 -24.88
CA TYR A 11 17.13 23.53 -25.01
C TYR A 11 17.61 24.75 -25.78
N PRO A 12 17.21 24.92 -27.05
CA PRO A 12 17.66 26.09 -27.81
C PRO A 12 16.95 27.33 -27.32
N ALA A 13 17.73 28.32 -26.89
CA ALA A 13 17.16 29.56 -26.37
C ALA A 13 16.22 30.19 -27.39
N GLY A 14 15.11 30.73 -26.90
CA GLY A 14 14.12 31.37 -27.75
C GLY A 14 13.00 30.46 -28.22
N GLN A 15 13.09 29.17 -27.96
CA GLN A 15 12.05 28.23 -28.38
C GLN A 15 11.06 28.01 -27.25
N LYS A 16 9.77 27.91 -27.61
CA LYS A 16 8.71 27.83 -26.61
C LYS A 16 8.87 26.60 -25.74
N GLN A 17 9.09 25.44 -26.35
CA GLN A 17 9.12 24.20 -25.59
C GLN A 17 9.95 23.16 -26.33
N GLU A 18 10.39 22.16 -25.58
CA GLU A 18 11.06 20.99 -26.14
C GLU A 18 10.37 19.73 -25.62
N GLN A 19 10.48 18.66 -26.41
CA GLN A 19 9.81 17.40 -26.11
C GLN A 19 10.81 16.38 -25.60
N LEU A 20 10.33 15.48 -24.74
CA LEU A 20 11.12 14.36 -24.24
C LEU A 20 10.20 13.17 -24.11
N ALA A 21 10.51 12.09 -24.81
CA ALA A 21 9.66 10.91 -24.82
C ALA A 21 9.79 10.14 -23.50
N VAL A 22 8.67 9.56 -23.07
CA VAL A 22 8.63 8.62 -21.95
C VAL A 22 7.87 7.40 -22.44
N THR A 23 8.40 6.22 -22.17
CA THR A 23 7.76 4.99 -22.64
C THR A 23 7.70 3.97 -21.51
N ASN A 24 6.59 3.24 -21.48
CA ASN A 24 6.47 2.02 -20.70
C ASN A 24 6.21 0.89 -21.67
N ASN A 25 6.93 -0.22 -21.52
CA ASN A 25 6.83 -1.32 -22.48
C ASN A 25 6.20 -2.58 -21.91
N ASP A 26 5.60 -2.51 -20.72
CA ASP A 26 5.01 -3.68 -20.07
C ASP A 26 3.50 -3.53 -20.06
N GLU A 27 2.81 -4.38 -20.85
CA GLU A 27 1.37 -4.27 -20.99
C GLU A 27 0.66 -4.52 -19.67
N ASN A 28 1.27 -5.27 -18.76
CA ASN A 28 0.61 -5.68 -17.52
C ASN A 28 1.06 -4.85 -16.32
N SER A 29 1.51 -3.62 -16.55
CA SER A 29 1.88 -2.76 -15.43
C SER A 29 1.53 -1.31 -15.76
N THR A 30 1.32 -0.53 -14.69
CA THR A 30 0.90 0.85 -14.79
C THR A 30 1.79 1.71 -13.91
N TYR A 31 2.30 2.82 -14.46
CA TYR A 31 3.21 3.69 -13.76
C TYR A 31 2.60 5.08 -13.59
N LEU A 32 2.92 5.71 -12.46
CA LEU A 32 2.75 7.14 -12.28
C LEU A 32 4.06 7.83 -12.65
N ILE A 33 3.98 8.89 -13.45
CA ILE A 33 5.15 9.55 -13.99
C ILE A 33 5.17 10.99 -13.49
N GLN A 34 6.07 11.27 -12.55
CA GLN A 34 6.23 12.61 -12.01
C GLN A 34 7.54 13.20 -12.55
N SER A 35 7.50 14.48 -12.92
CA SER A 35 8.64 15.11 -13.58
C SER A 35 8.82 16.53 -13.08
N TRP A 36 10.08 16.91 -12.85
CA TRP A 36 10.41 18.26 -12.40
C TRP A 36 11.84 18.58 -12.80
N VAL A 37 12.20 19.86 -12.67
CA VAL A 37 13.52 20.34 -13.06
C VAL A 37 14.25 20.87 -11.84
N GLU A 38 15.54 20.54 -11.73
CA GLU A 38 16.42 21.03 -10.68
C GLU A 38 17.57 21.82 -11.29
N ASN A 39 18.16 22.71 -10.48
CA ASN A 39 19.36 23.43 -10.90
C ASN A 39 20.59 22.53 -10.74
N ALA A 40 21.76 23.09 -11.05
CA ALA A 40 22.96 22.26 -11.09
C ALA A 40 23.33 21.68 -9.73
N ASP A 41 22.91 22.31 -8.64
CA ASP A 41 23.18 21.79 -7.30
C ASP A 41 22.11 20.81 -6.84
N GLY A 42 21.17 20.45 -7.72
CA GLY A 42 20.15 19.47 -7.38
C GLY A 42 18.93 20.01 -6.69
N VAL A 43 18.76 21.33 -6.63
CA VAL A 43 17.65 21.97 -5.93
C VAL A 43 16.52 22.21 -6.90
N LYS A 44 15.29 21.91 -6.48
CA LYS A 44 14.13 22.06 -7.36
C LYS A 44 14.01 23.51 -7.81
N ASP A 45 13.92 23.69 -9.12
CA ASP A 45 14.04 25.00 -9.75
C ASP A 45 12.88 25.19 -10.71
N GLY A 46 12.26 26.36 -10.67
CA GLY A 46 11.07 26.63 -11.44
C GLY A 46 11.26 27.37 -12.74
N ARG A 47 12.50 27.68 -13.13
CA ARG A 47 12.74 28.39 -14.37
C ARG A 47 12.49 27.51 -15.61
N PHE A 48 12.17 26.23 -15.42
CA PHE A 48 11.73 25.36 -16.50
C PHE A 48 10.54 24.55 -16.02
N ILE A 49 9.46 24.57 -16.79
CA ILE A 49 8.22 23.87 -16.43
C ILE A 49 8.11 22.59 -17.26
N VAL A 50 7.63 21.52 -16.62
CA VAL A 50 7.40 20.24 -17.28
C VAL A 50 5.92 19.93 -17.20
N THR A 51 5.29 19.69 -18.36
CA THR A 51 3.88 19.31 -18.40
C THR A 51 3.72 18.05 -19.24
N PRO A 52 2.97 17.05 -18.76
CA PRO A 52 2.28 17.10 -17.46
C PRO A 52 3.20 16.75 -16.30
N PRO A 53 3.18 17.55 -15.24
CA PRO A 53 4.06 17.28 -14.09
C PRO A 53 3.73 15.97 -13.40
N LEU A 54 2.53 15.45 -13.58
CA LEU A 54 2.13 14.18 -12.95
C LEU A 54 1.06 13.55 -13.82
N PHE A 55 1.29 12.31 -14.25
CA PHE A 55 0.30 11.61 -15.06
C PHE A 55 0.55 10.11 -14.96
N ALA A 56 -0.44 9.34 -15.44
CA ALA A 56 -0.39 7.88 -15.43
C ALA A 56 -0.09 7.35 -16.82
N MET A 57 0.59 6.21 -16.87
CA MET A 57 0.77 5.45 -18.11
C MET A 57 0.26 4.04 -17.84
N LYS A 58 -0.80 3.66 -18.54
CA LYS A 58 -1.42 2.35 -18.37
C LYS A 58 -0.95 1.45 -19.52
N GLY A 59 -0.16 0.44 -19.19
CA GLY A 59 0.31 -0.52 -20.19
C GLY A 59 1.28 0.09 -21.20
N LYS A 60 1.48 -0.68 -22.28
CA LYS A 60 2.35 -0.25 -23.36
C LYS A 60 1.85 1.06 -23.97
N LYS A 61 2.66 2.11 -23.88
CA LYS A 61 2.20 3.45 -24.20
C LYS A 61 3.40 4.38 -24.24
N GLU A 62 3.43 5.28 -25.23
CA GLU A 62 4.43 6.34 -25.30
C GLU A 62 3.76 7.68 -25.05
N ASN A 63 4.32 8.45 -24.12
CA ASN A 63 3.84 9.79 -23.81
C ASN A 63 4.93 10.81 -24.05
N THR A 64 4.52 12.08 -24.11
CA THR A 64 5.40 13.18 -24.44
C THR A 64 5.44 14.20 -23.32
N LEU A 65 6.62 14.40 -22.73
CA LEU A 65 6.84 15.47 -21.77
C LEU A 65 7.19 16.74 -22.52
N ARG A 66 6.56 17.85 -22.13
CA ARG A 66 6.84 19.15 -22.72
C ARG A 66 7.62 19.98 -21.71
N ILE A 67 8.78 20.46 -22.13
CA ILE A 67 9.67 21.27 -21.30
C ILE A 67 9.55 22.71 -21.77
N LEU A 68 9.01 23.58 -20.93
CA LEU A 68 8.70 24.95 -21.30
C LEU A 68 9.69 25.92 -20.68
N ASP A 69 10.08 26.94 -21.44
CA ASP A 69 11.03 27.92 -20.98
C ASP A 69 10.34 28.94 -20.08
N ALA A 70 10.76 29.00 -18.82
CA ALA A 70 10.23 29.95 -17.85
C ALA A 70 11.32 30.84 -17.28
N THR A 71 12.45 30.98 -17.98
CA THR A 71 13.55 31.76 -17.45
C THR A 71 13.29 33.25 -17.50
N ASN A 72 12.34 33.70 -18.33
CA ASN A 72 12.14 35.12 -18.61
C ASN A 72 13.43 35.75 -19.15
N ASN A 73 14.24 34.93 -19.84
CA ASN A 73 15.45 35.39 -20.52
C ASN A 73 16.48 35.96 -19.54
N GLN A 74 16.56 35.37 -18.35
CA GLN A 74 17.50 35.83 -17.33
C GLN A 74 18.82 35.08 -17.32
N LEU A 75 18.96 34.02 -18.13
CA LEU A 75 20.19 33.24 -18.12
C LEU A 75 21.26 33.89 -18.99
N PRO A 76 22.54 33.61 -18.72
CA PRO A 76 23.62 34.18 -19.54
C PRO A 76 23.46 33.78 -21.01
N GLN A 77 23.81 34.70 -21.90
CA GLN A 77 23.67 34.50 -23.33
C GLN A 77 24.99 34.16 -24.00
N ASP A 78 26.02 33.87 -23.23
CA ASP A 78 27.32 33.53 -23.77
C ASP A 78 27.78 32.13 -23.38
N ARG A 79 26.95 31.39 -22.63
CA ARG A 79 27.35 30.09 -22.15
C ARG A 79 26.12 29.28 -21.82
N GLU A 80 26.23 27.96 -21.99
CA GLU A 80 25.18 27.07 -21.55
C GLU A 80 24.98 27.19 -20.04
N SER A 81 23.74 27.09 -19.61
CA SER A 81 23.42 26.90 -18.20
C SER A 81 22.96 25.47 -18.01
N LEU A 82 23.28 24.90 -16.84
CA LEU A 82 23.02 23.49 -16.58
C LEU A 82 21.83 23.33 -15.65
N PHE A 83 20.90 22.48 -16.06
CA PHE A 83 19.77 22.06 -15.24
C PHE A 83 19.63 20.54 -15.35
N TRP A 84 18.84 19.96 -14.44
CA TRP A 84 18.65 18.52 -14.40
C TRP A 84 17.17 18.19 -14.54
N MET A 85 16.86 17.28 -15.45
CA MET A 85 15.51 16.77 -15.64
C MET A 85 15.32 15.50 -14.82
N ASN A 86 14.25 15.46 -14.04
CA ASN A 86 13.96 14.33 -13.17
C ASN A 86 12.63 13.72 -13.58
N VAL A 87 12.63 12.42 -13.83
CA VAL A 87 11.41 11.69 -14.17
C VAL A 87 11.31 10.50 -13.24
N LYS A 88 10.38 10.56 -12.28
CA LYS A 88 10.14 9.47 -11.34
C LYS A 88 9.09 8.53 -11.91
N ALA A 89 9.41 7.24 -11.93
CA ALA A 89 8.46 6.20 -12.33
C ALA A 89 8.03 5.46 -11.06
N ILE A 90 6.77 5.65 -10.67
CA ILE A 90 6.21 5.00 -9.48
C ILE A 90 5.41 3.78 -9.94
N PRO A 91 5.78 2.57 -9.53
CA PRO A 91 4.98 1.39 -9.88
C PRO A 91 3.63 1.36 -9.14
N SER A 92 2.95 0.22 -9.13
CA SER A 92 1.61 0.14 -8.58
C SER A 92 1.48 -1.06 -7.65
N MET A 93 0.23 -1.51 -7.45
CA MET A 93 -0.12 -2.51 -6.45
C MET A 93 0.28 -3.90 -6.94
N ASP A 94 1.37 -4.43 -6.40
CA ASP A 94 1.73 -5.83 -6.58
C ASP A 94 1.01 -6.62 -5.49
N LYS A 95 -0.27 -6.90 -5.73
CA LYS A 95 -1.09 -7.58 -4.72
C LYS A 95 -0.59 -8.99 -4.41
N SER A 96 0.39 -9.50 -5.15
CA SER A 96 0.95 -10.82 -4.88
C SER A 96 1.62 -10.86 -3.51
N LYS A 97 2.37 -9.83 -3.16
CA LYS A 97 3.16 -9.85 -1.93
C LYS A 97 2.51 -8.95 -0.86
N LEU A 98 1.25 -9.22 -0.51
CA LEU A 98 0.54 -8.38 0.45
C LEU A 98 0.84 -8.81 1.87
N THR A 99 0.72 -10.11 2.16
CA THR A 99 1.07 -10.64 3.46
C THR A 99 2.51 -10.39 3.85
N GLU A 100 3.35 -9.96 2.90
CA GLU A 100 4.79 -9.90 3.07
C GLU A 100 5.25 -8.52 3.50
N ASN A 101 6.36 -8.51 4.23
CA ASN A 101 7.13 -7.28 4.40
C ASN A 101 7.87 -6.99 3.11
N THR A 102 7.90 -5.73 2.71
CA THR A 102 8.43 -5.39 1.40
C THR A 102 9.32 -4.17 1.45
N LEU A 103 10.37 -4.22 0.65
CA LEU A 103 11.12 -3.05 0.23
C LEU A 103 10.58 -2.67 -1.14
N GLN A 104 9.92 -1.51 -1.22
CA GLN A 104 9.28 -1.04 -2.45
C GLN A 104 10.12 0.06 -3.08
N LEU A 105 10.56 -0.14 -4.32
CA LEU A 105 11.35 0.85 -5.02
C LEU A 105 10.54 1.61 -6.06
N ALA A 106 10.96 2.84 -6.32
CA ALA A 106 10.53 3.62 -7.46
C ALA A 106 11.77 4.07 -8.20
N ILE A 107 11.62 4.43 -9.47
CA ILE A 107 12.77 4.79 -10.30
C ILE A 107 12.71 6.27 -10.62
N ILE A 108 13.85 6.95 -10.46
CA ILE A 108 14.02 8.32 -10.89
C ILE A 108 15.17 8.34 -11.88
N SER A 109 14.94 8.94 -13.04
CA SER A 109 15.94 9.04 -14.09
C SER A 109 16.31 10.51 -14.25
N ARG A 110 17.61 10.81 -14.11
CA ARG A 110 18.09 12.19 -14.08
C ARG A 110 19.01 12.42 -15.27
N ILE A 111 18.66 13.37 -16.13
CA ILE A 111 19.44 13.68 -17.30
C ILE A 111 19.66 15.19 -17.39
N LYS A 112 20.73 15.56 -18.08
CA LYS A 112 21.14 16.96 -18.15
C LYS A 112 20.25 17.74 -19.09
N LEU A 113 19.86 18.93 -18.66
CA LEU A 113 19.18 19.91 -19.49
C LEU A 113 20.13 21.09 -19.70
N TYR A 114 20.51 21.33 -20.95
CA TYR A 114 21.42 22.41 -21.30
C TYR A 114 20.64 23.53 -21.96
N TYR A 115 20.58 24.69 -21.30
CA TYR A 115 20.05 25.90 -21.92
C TYR A 115 21.13 26.45 -22.83
N ARG A 116 20.96 26.29 -24.14
CA ARG A 116 21.99 26.73 -25.08
C ARG A 116 21.58 28.04 -25.72
N PRO A 117 22.31 29.14 -25.46
CA PRO A 117 21.98 30.43 -26.08
C PRO A 117 22.02 30.38 -27.59
N ALA A 118 21.56 31.50 -28.19
CA ALA A 118 21.23 31.53 -29.62
C ALA A 118 22.46 31.71 -30.49
N LYS A 119 23.18 32.82 -30.34
CA LYS A 119 24.23 33.19 -31.29
C LYS A 119 25.61 32.84 -30.78
N LEU A 120 25.81 31.61 -30.32
CA LEU A 120 27.13 31.18 -29.91
C LEU A 120 28.08 31.16 -31.10
N ALA A 121 29.35 31.47 -30.82
CA ALA A 121 30.32 31.62 -31.90
C ALA A 121 30.86 30.28 -32.38
N LEU A 122 31.27 29.43 -31.45
CA LEU A 122 31.95 28.19 -31.78
C LEU A 122 30.95 27.07 -31.99
N PRO A 123 30.98 26.35 -33.12
CA PRO A 123 30.01 25.29 -33.34
C PRO A 123 30.21 24.16 -32.35
N PRO A 124 29.15 23.47 -31.95
CA PRO A 124 29.28 22.50 -30.85
C PRO A 124 30.27 21.37 -31.14
N ASP A 125 30.38 20.92 -32.38
CA ASP A 125 31.30 19.83 -32.67
C ASP A 125 32.74 20.21 -32.38
N GLN A 126 33.08 21.49 -32.44
CA GLN A 126 34.45 21.92 -32.22
C GLN A 126 34.78 22.16 -30.75
N ALA A 127 33.85 21.88 -29.84
CA ALA A 127 34.11 22.18 -28.44
C ALA A 127 35.14 21.23 -27.85
N ALA A 128 34.97 19.91 -28.09
CA ALA A 128 35.76 18.92 -27.39
C ALA A 128 37.25 19.11 -27.60
N GLU A 129 37.66 19.52 -28.81
CA GLU A 129 39.08 19.66 -29.08
C GLU A 129 39.73 20.78 -28.27
N LYS A 130 38.94 21.74 -27.79
CA LYS A 130 39.50 22.90 -27.10
C LYS A 130 39.86 22.63 -25.65
N LEU A 131 39.52 21.46 -25.11
CA LEU A 131 39.83 21.13 -23.74
C LEU A 131 41.34 21.16 -23.49
N ARG A 132 41.74 21.72 -22.35
CA ARG A 132 43.14 21.80 -21.97
C ARG A 132 43.31 21.24 -20.56
N PHE A 133 44.55 20.84 -20.23
CA PHE A 133 44.84 20.17 -18.97
C PHE A 133 45.99 20.84 -18.24
N ARG A 134 45.83 20.92 -16.91
CA ARG A 134 46.87 21.38 -15.99
C ARG A 134 47.14 20.25 -15.00
N ARG A 135 48.42 19.96 -14.75
CA ARG A 135 48.79 18.78 -14.00
C ARG A 135 49.61 19.14 -12.77
N SER A 136 49.25 18.55 -11.63
CA SER A 136 49.99 18.66 -10.38
C SER A 136 50.40 17.26 -9.93
N ALA A 137 51.10 17.20 -8.78
CA ALA A 137 51.68 15.94 -8.33
C ALA A 137 50.61 14.86 -8.11
N ASN A 138 49.41 15.25 -7.67
CA ASN A 138 48.38 14.25 -7.43
C ASN A 138 46.99 14.70 -7.91
N SER A 139 46.91 15.68 -8.79
CA SER A 139 45.64 16.13 -9.33
C SER A 139 45.83 16.61 -10.76
N LEU A 140 44.73 16.60 -11.51
CA LEU A 140 44.71 16.98 -12.91
C LEU A 140 43.49 17.86 -13.13
N THR A 141 43.72 19.04 -13.69
CA THR A 141 42.66 20.03 -13.87
C THR A 141 42.34 20.18 -15.36
N LEU A 142 41.05 20.10 -15.69
CA LEU A 142 40.56 20.22 -17.06
C LEU A 142 40.03 21.63 -17.29
N ILE A 143 40.45 22.24 -18.39
CA ILE A 143 40.14 23.63 -18.69
C ILE A 143 39.28 23.68 -19.93
N ASN A 144 38.08 24.27 -19.80
CA ASN A 144 37.11 24.32 -20.89
C ASN A 144 36.90 25.77 -21.32
N PRO A 145 37.54 26.24 -22.40
CA PRO A 145 37.37 27.63 -22.82
C PRO A 145 36.12 27.89 -23.66
N THR A 146 35.35 26.86 -23.95
CA THR A 146 34.21 26.96 -24.83
C THR A 146 32.97 27.35 -24.05
N PRO A 147 31.92 27.77 -24.74
CA PRO A 147 30.64 28.05 -24.06
C PRO A 147 29.84 26.80 -23.72
N TYR A 148 30.31 25.60 -24.06
CA TYR A 148 29.52 24.40 -23.92
C TYR A 148 30.00 23.54 -22.76
N TYR A 149 29.06 22.99 -22.00
CA TYR A 149 29.41 21.99 -21.00
C TYR A 149 30.06 20.80 -21.69
N LEU A 150 31.25 20.42 -21.21
CA LEU A 150 31.98 19.27 -21.71
C LEU A 150 31.87 18.12 -20.72
N THR A 151 31.29 17.03 -21.17
CA THR A 151 31.21 15.78 -20.42
C THR A 151 32.37 14.90 -20.85
N VAL A 152 33.44 14.89 -20.06
CA VAL A 152 34.68 14.22 -20.44
C VAL A 152 34.70 12.83 -19.85
N THR A 153 35.05 11.84 -20.68
CA THR A 153 35.08 10.45 -20.24
C THR A 153 36.13 9.70 -21.06
N GLU A 154 36.37 8.45 -20.66
CA GLU A 154 37.56 7.71 -21.09
C GLU A 154 38.82 8.54 -20.88
N LEU A 155 38.86 9.25 -19.77
CA LEU A 155 40.01 10.06 -19.43
C LEU A 155 41.14 9.16 -18.96
N ASN A 156 42.25 9.17 -19.67
CA ASN A 156 43.38 8.30 -19.41
C ASN A 156 44.64 9.12 -19.18
N ALA A 157 45.42 8.71 -18.19
CA ALA A 157 46.74 9.28 -17.95
C ALA A 157 47.69 8.09 -17.92
N GLY A 158 48.42 7.87 -19.00
CA GLY A 158 49.18 6.64 -19.08
C GLY A 158 48.26 5.44 -18.97
N THR A 159 48.69 4.45 -18.19
CA THR A 159 47.93 3.22 -18.05
C THR A 159 46.67 3.38 -17.18
N ARG A 160 46.53 4.48 -16.45
CA ARG A 160 45.54 4.60 -15.39
C ARG A 160 44.34 5.43 -15.84
N VAL A 161 43.14 4.93 -15.58
CA VAL A 161 41.90 5.57 -16.00
C VAL A 161 41.34 6.38 -14.84
N LEU A 162 40.94 7.62 -15.11
CA LEU A 162 40.56 8.58 -14.09
C LEU A 162 39.05 8.72 -14.02
N GLU A 163 38.60 9.53 -13.06
CA GLU A 163 37.18 9.87 -12.97
C GLU A 163 36.74 10.60 -14.23
N ASN A 164 35.48 10.39 -14.60
CA ASN A 164 34.88 11.29 -15.57
C ASN A 164 34.80 12.70 -14.97
N ALA A 165 34.62 13.69 -15.83
CA ALA A 165 34.49 15.06 -15.35
C ALA A 165 33.48 15.81 -16.18
N LEU A 166 32.75 16.71 -15.52
CA LEU A 166 31.81 17.62 -16.17
C LEU A 166 32.42 19.01 -16.07
N VAL A 167 32.93 19.53 -17.17
CA VAL A 167 33.70 20.77 -17.16
C VAL A 167 32.80 21.91 -17.59
N PRO A 168 32.56 22.90 -16.72
CA PRO A 168 31.59 23.94 -17.05
C PRO A 168 32.14 24.86 -18.13
N PRO A 169 31.26 25.52 -18.88
CA PRO A 169 31.73 26.46 -19.90
C PRO A 169 32.60 27.52 -19.25
N MET A 170 33.73 27.80 -19.90
CA MET A 170 34.65 28.85 -19.48
C MET A 170 35.01 28.68 -18.01
N GLY A 171 35.18 27.41 -17.62
CA GLY A 171 35.54 27.06 -16.26
C GLY A 171 36.49 25.89 -16.21
N GLU A 172 36.62 25.29 -15.03
CA GLU A 172 37.59 24.23 -14.80
C GLU A 172 36.93 23.10 -14.03
N SER A 173 37.64 21.99 -13.94
CA SER A 173 37.23 20.86 -13.11
C SER A 173 38.46 20.03 -12.82
N THR A 174 38.54 19.49 -11.60
CA THR A 174 39.72 18.74 -11.19
C THR A 174 39.35 17.31 -10.81
N VAL A 175 40.27 16.39 -11.09
CA VAL A 175 40.12 14.98 -10.75
C VAL A 175 41.42 14.51 -10.10
N LYS A 176 41.29 13.44 -9.31
CA LYS A 176 42.44 12.90 -8.60
C LYS A 176 43.37 12.18 -9.58
N LEU A 177 44.66 12.16 -9.25
CA LEU A 177 45.69 11.62 -10.13
C LEU A 177 46.57 10.65 -9.35
N PRO A 178 46.41 9.35 -9.54
CA PRO A 178 47.23 8.38 -8.80
C PRO A 178 48.72 8.57 -9.05
N SER A 179 49.52 7.96 -8.17
CA SER A 179 50.97 8.10 -8.29
C SER A 179 51.49 7.40 -9.54
N ASP A 180 50.94 6.24 -9.88
CA ASP A 180 51.36 5.47 -11.03
C ASP A 180 50.77 6.00 -12.34
N ALA A 181 50.22 7.22 -12.34
CA ALA A 181 49.69 7.79 -13.55
C ALA A 181 50.82 8.12 -14.52
N GLY A 182 50.57 7.89 -15.80
CA GLY A 182 51.55 8.14 -16.84
C GLY A 182 51.47 9.57 -17.34
N SER A 183 52.24 9.83 -18.41
CA SER A 183 52.40 11.18 -18.92
C SER A 183 51.32 11.58 -19.90
N ASN A 184 51.13 10.79 -20.97
CA ASN A 184 50.24 11.19 -22.06
C ASN A 184 48.78 10.98 -21.70
N ILE A 185 47.94 11.92 -22.13
CA ILE A 185 46.53 11.97 -21.77
C ILE A 185 45.70 11.77 -23.02
N THR A 186 44.69 10.91 -22.93
CA THR A 186 43.66 10.81 -23.95
C THR A 186 42.31 10.98 -23.29
N TYR A 187 41.32 11.42 -24.07
CA TYR A 187 39.98 11.56 -23.55
C TYR A 187 38.97 11.43 -24.68
N ARG A 188 37.72 11.23 -24.30
CA ARG A 188 36.59 11.35 -25.20
C ARG A 188 35.57 12.26 -24.54
N THR A 189 34.48 12.55 -25.27
CA THR A 189 33.36 13.28 -24.69
C THR A 189 32.06 12.66 -25.17
N ILE A 190 30.98 13.00 -24.48
CA ILE A 190 29.63 12.61 -24.90
C ILE A 190 28.98 13.82 -25.52
N ASN A 191 28.57 13.70 -26.78
CA ASN A 191 28.09 14.84 -27.55
C ASN A 191 26.58 15.01 -27.36
N ASP A 192 25.98 15.90 -28.15
CA ASP A 192 24.58 16.24 -27.95
C ASP A 192 23.67 15.04 -28.12
N TYR A 193 24.08 14.07 -28.93
CA TYR A 193 23.24 12.94 -29.29
C TYR A 193 23.38 11.76 -28.33
N GLY A 194 24.28 11.83 -27.36
CA GLY A 194 24.52 10.72 -26.47
C GLY A 194 25.61 9.75 -26.89
N ALA A 195 26.25 9.99 -28.04
CA ALA A 195 27.31 9.13 -28.54
C ALA A 195 28.67 9.53 -27.97
N LEU A 196 29.61 8.60 -28.07
CA LEU A 196 31.00 8.92 -27.71
C LEU A 196 31.68 9.58 -28.89
N THR A 197 32.45 10.62 -28.59
CA THR A 197 33.22 11.32 -29.61
C THR A 197 34.58 10.65 -29.78
N PRO A 198 35.29 10.95 -30.86
CA PRO A 198 36.56 10.27 -31.10
C PRO A 198 37.60 10.57 -30.03
N LYS A 199 38.37 9.54 -29.69
CA LYS A 199 39.51 9.68 -28.79
C LYS A 199 40.40 10.83 -29.23
N MET A 200 40.78 11.66 -28.27
CA MET A 200 41.59 12.84 -28.55
C MET A 200 42.79 12.87 -27.64
N THR A 201 43.91 13.37 -28.17
CA THR A 201 45.10 13.59 -27.35
C THR A 201 44.91 14.82 -26.48
N GLY A 202 45.13 14.67 -25.18
CA GLY A 202 45.00 15.79 -24.27
C GLY A 202 46.16 16.75 -24.46
N VAL A 203 45.85 18.05 -24.52
CA VAL A 203 46.82 19.10 -24.77
C VAL A 203 47.04 19.87 -23.48
N MET A 204 48.30 20.03 -23.09
CA MET A 204 48.61 20.74 -21.87
C MET A 204 48.35 22.23 -22.02
N GLU A 205 47.91 22.85 -20.93
CA GLU A 205 47.52 24.26 -20.93
C GLU A 205 48.63 25.18 -21.39
N GLY B 11 13.20 14.80 -59.84
CA GLY B 11 13.33 15.63 -58.65
C GLY B 11 14.38 15.16 -57.67
N ASN B 12 14.65 15.97 -56.66
CA ASN B 12 15.63 15.66 -55.62
C ASN B 12 14.92 15.37 -54.31
N MET B 13 15.28 14.25 -53.69
CA MET B 13 14.74 13.85 -52.41
C MET B 13 15.73 14.17 -51.30
N GLN B 14 15.19 14.60 -50.15
CA GLN B 14 16.00 14.85 -48.97
C GLN B 14 15.26 14.29 -47.76
N PHE B 15 15.82 13.28 -47.12
CA PHE B 15 15.24 12.68 -45.93
C PHE B 15 16.00 13.17 -44.71
N GLN B 16 15.27 13.72 -43.73
CA GLN B 16 15.86 14.26 -42.53
C GLN B 16 15.40 13.50 -41.30
N GLY B 17 16.30 13.38 -40.33
CA GLY B 17 15.97 12.70 -39.09
C GLY B 17 17.19 12.61 -38.21
N VAL B 18 16.98 12.08 -37.01
CA VAL B 18 18.03 12.04 -36.00
C VAL B 18 17.87 10.79 -35.15
N ILE B 19 18.99 10.12 -34.85
CA ILE B 19 19.01 8.94 -34.01
C ILE B 19 19.72 9.32 -32.71
N ILE B 20 19.05 9.09 -31.57
CA ILE B 20 19.52 9.59 -30.28
C ILE B 20 19.60 8.47 -29.27
N ALA B 21 20.57 8.58 -28.35
CA ALA B 21 20.69 7.64 -27.25
C ALA B 21 19.57 7.85 -26.24
N GLU B 22 18.97 6.75 -25.80
CA GLU B 22 17.93 6.77 -24.78
C GLU B 22 18.52 6.39 -23.42
N THR B 23 17.74 6.65 -22.37
CA THR B 23 18.16 6.17 -21.06
C THR B 23 17.82 4.69 -20.94
N CYS B 24 18.26 4.09 -19.84
CA CYS B 24 17.99 2.68 -19.61
C CYS B 24 16.55 2.48 -19.15
N ARG B 25 15.89 1.48 -19.73
CA ARG B 25 14.59 1.03 -19.26
C ARG B 25 14.81 0.10 -18.07
N ILE B 26 14.21 0.43 -16.94
CA ILE B 26 14.56 -0.16 -15.65
C ILE B 26 13.52 -1.20 -15.29
N GLU B 27 13.97 -2.43 -15.07
CA GLU B 27 13.14 -3.49 -14.54
C GLU B 27 13.89 -4.16 -13.40
N ALA B 28 13.14 -4.80 -12.50
CA ALA B 28 13.74 -5.52 -11.39
C ALA B 28 13.54 -7.01 -11.58
N GLY B 29 14.29 -7.80 -10.82
CA GLY B 29 14.04 -9.23 -10.78
C GLY B 29 12.64 -9.54 -10.32
N ASP B 30 12.12 -8.73 -9.40
CA ASP B 30 10.75 -8.85 -8.92
C ASP B 30 9.86 -7.89 -9.69
N LYS B 31 8.65 -8.34 -9.98
CA LYS B 31 7.68 -7.47 -10.62
C LYS B 31 7.34 -6.29 -9.71
N GLN B 32 7.11 -5.14 -10.33
CA GLN B 32 6.66 -3.93 -9.64
C GLN B 32 7.69 -3.45 -8.60
N MET B 33 8.96 -3.80 -8.82
CA MET B 33 10.06 -3.33 -7.96
C MET B 33 9.82 -3.65 -6.49
N THR B 34 9.08 -4.73 -6.22
CA THR B 34 8.72 -5.09 -4.85
C THR B 34 9.66 -6.16 -4.36
N VAL B 35 10.63 -5.77 -3.54
CA VAL B 35 11.51 -6.74 -2.90
C VAL B 35 10.84 -7.24 -1.63
N ASN B 36 10.56 -8.53 -1.59
CA ASN B 36 9.83 -9.11 -0.47
C ASN B 36 10.84 -9.53 0.59
N MET B 37 10.93 -8.75 1.66
CA MET B 37 11.65 -9.18 2.85
C MET B 37 10.89 -10.33 3.49
N GLY B 38 11.54 -10.99 4.43
CA GLY B 38 10.90 -12.11 5.09
C GLY B 38 9.86 -11.66 6.09
N GLN B 39 9.51 -12.57 6.98
CA GLN B 39 8.81 -12.19 8.20
C GLN B 39 9.84 -11.93 9.30
N ILE B 40 9.48 -11.06 10.22
CA ILE B 40 10.41 -10.47 11.16
C ILE B 40 10.28 -11.20 12.50
N SER B 41 11.33 -11.91 12.90
CA SER B 41 11.38 -12.63 14.17
C SER B 41 12.19 -11.78 15.15
N SER B 42 11.48 -10.94 15.92
CA SER B 42 12.11 -9.93 16.76
C SER B 42 13.22 -10.47 17.64
N ASN B 43 13.19 -11.77 17.96
CA ASN B 43 14.13 -12.32 18.92
C ASN B 43 15.47 -12.70 18.32
N ARG B 44 15.69 -12.50 17.02
CA ARG B 44 16.96 -12.89 16.45
C ARG B 44 18.02 -11.80 16.56
N PHE B 45 17.65 -10.60 17.00
CA PHE B 45 18.59 -9.51 17.17
C PHE B 45 19.06 -9.46 18.63
N HIS B 46 20.37 -9.54 18.83
CA HIS B 46 20.98 -9.51 20.15
C HIS B 46 21.73 -8.22 20.42
N ALA B 47 22.00 -7.44 19.39
CA ALA B 47 22.78 -6.23 19.54
C ALA B 47 22.47 -5.32 18.36
N VAL B 48 22.43 -4.02 18.62
CA VAL B 48 22.31 -3.04 17.56
C VAL B 48 23.32 -3.40 16.47
N GLY B 49 22.91 -3.22 15.21
CA GLY B 49 23.79 -3.44 14.10
C GLY B 49 23.71 -4.81 13.46
N GLU B 50 23.23 -5.82 14.18
CA GLU B 50 23.13 -7.15 13.62
C GLU B 50 22.12 -7.19 12.49
N ASP B 51 22.35 -8.09 11.52
CA ASP B 51 21.54 -8.15 10.33
C ASP B 51 20.82 -9.49 10.23
N SER B 52 19.65 -9.46 9.59
CA SER B 52 18.88 -10.66 9.34
C SER B 52 19.43 -11.38 8.12
N ALA B 53 18.63 -12.22 7.49
CA ALA B 53 19.09 -12.99 6.35
C ALA B 53 19.20 -12.08 5.11
N PRO B 54 20.07 -12.42 4.16
CA PRO B 54 20.21 -11.61 2.95
C PRO B 54 19.07 -11.86 1.96
N VAL B 55 18.43 -10.78 1.53
CA VAL B 55 17.42 -10.80 0.48
C VAL B 55 18.00 -10.14 -0.77
N PRO B 56 18.35 -10.89 -1.80
CA PRO B 56 18.91 -10.27 -3.00
C PRO B 56 17.85 -9.62 -3.87
N PHE B 57 18.27 -8.58 -4.59
CA PHE B 57 17.42 -7.96 -5.58
C PHE B 57 18.28 -7.36 -6.67
N VAL B 58 17.77 -7.43 -7.90
CA VAL B 58 18.53 -7.09 -9.09
C VAL B 58 17.78 -5.98 -9.82
N ILE B 59 18.53 -5.01 -10.32
CA ILE B 59 17.98 -3.98 -11.19
C ILE B 59 18.61 -4.16 -12.55
N HIS B 60 17.77 -4.34 -13.57
CA HIS B 60 18.21 -4.55 -14.94
C HIS B 60 18.18 -3.26 -15.73
N LEU B 61 19.23 -3.01 -16.51
CA LEU B 61 19.36 -1.82 -17.34
C LEU B 61 19.16 -2.26 -18.78
N ARG B 62 17.93 -2.16 -19.27
CA ARG B 62 17.57 -2.72 -20.56
C ARG B 62 17.47 -1.66 -21.65
N GLU B 63 17.58 -2.13 -22.91
CA GLU B 63 17.36 -1.32 -24.11
C GLU B 63 18.16 -0.04 -24.14
N CYS B 64 19.30 0.01 -23.49
CA CYS B 64 20.15 1.17 -23.59
C CYS B 64 21.52 0.76 -24.10
N SER B 65 22.16 1.70 -24.77
CA SER B 65 23.52 1.49 -25.23
C SER B 65 24.44 1.18 -24.06
N THR B 66 25.49 0.41 -24.36
CA THR B 66 26.52 0.13 -23.37
C THR B 66 27.26 1.40 -22.94
N VAL B 67 27.38 2.38 -23.86
CA VAL B 67 27.97 3.68 -23.54
C VAL B 67 27.20 4.36 -22.43
N VAL B 68 25.88 4.22 -22.44
CA VAL B 68 25.03 4.87 -21.45
C VAL B 68 25.08 4.13 -20.13
N SER B 69 24.98 2.80 -20.17
CA SER B 69 24.84 2.02 -18.94
C SER B 69 26.14 1.92 -18.17
N GLU B 70 27.29 1.93 -18.88
CA GLU B 70 28.59 1.91 -18.21
C GLU B 70 28.81 3.14 -17.35
N ARG B 71 28.15 4.24 -17.66
CA ARG B 71 28.48 5.55 -17.10
C ARG B 71 27.46 6.06 -16.10
N VAL B 72 26.34 5.35 -15.90
CA VAL B 72 25.28 5.87 -15.05
C VAL B 72 25.69 5.79 -13.58
N GLY B 73 25.26 6.78 -12.80
CA GLY B 73 25.53 6.82 -11.37
C GLY B 73 24.22 6.69 -10.61
N VAL B 74 24.22 5.83 -9.59
CA VAL B 74 23.00 5.44 -8.93
C VAL B 74 23.11 5.69 -7.43
N ALA B 75 21.94 5.80 -6.79
CA ALA B 75 21.84 6.05 -5.36
C ALA B 75 20.44 5.70 -4.89
N PHE B 76 20.31 5.43 -3.59
CA PHE B 76 19.04 5.13 -2.95
C PHE B 76 18.63 6.30 -2.06
N HIS B 77 17.39 6.76 -2.23
CA HIS B 77 16.85 7.86 -1.44
C HIS B 77 15.65 7.37 -0.65
N GLY B 78 15.53 7.86 0.57
CA GLY B 78 14.39 7.51 1.40
C GLY B 78 14.56 8.01 2.81
N VAL B 79 13.50 7.82 3.58
CA VAL B 79 13.46 8.27 4.97
C VAL B 79 14.34 7.34 5.80
N ALA B 80 15.37 7.92 6.42
CA ALA B 80 16.28 7.10 7.21
C ALA B 80 15.64 6.72 8.54
N ASP B 81 16.05 5.55 9.05
CA ASP B 81 15.76 5.19 10.42
C ASP B 81 16.25 6.29 11.36
N GLY B 82 15.39 6.71 12.28
CA GLY B 82 15.73 7.83 13.15
C GLY B 82 16.94 7.61 14.04
N LYS B 83 17.40 6.37 14.15
CA LYS B 83 18.56 6.04 14.95
C LYS B 83 19.77 5.67 14.11
N ASN B 84 19.63 5.51 12.80
CA ASN B 84 20.74 5.11 11.94
C ASN B 84 20.55 5.78 10.57
N PRO B 85 21.25 6.87 10.32
CA PRO B 85 21.10 7.57 9.03
C PRO B 85 21.38 6.71 7.79
N ASP B 86 22.06 5.58 7.92
CA ASP B 86 22.47 4.82 6.75
C ASP B 86 21.40 3.85 6.24
N VAL B 87 20.42 3.49 7.06
CA VAL B 87 19.47 2.45 6.70
C VAL B 87 18.09 3.07 6.55
N LEU B 88 17.24 2.40 5.78
CA LEU B 88 15.89 2.90 5.53
C LEU B 88 15.02 2.74 6.76
N SER B 89 14.25 3.78 7.07
CA SER B 89 13.25 3.67 8.11
C SER B 89 12.13 2.73 7.68
N VAL B 90 11.52 2.09 8.67
CA VAL B 90 10.47 1.12 8.43
C VAL B 90 9.11 1.66 8.86
N GLY B 91 9.05 2.93 9.22
CA GLY B 91 7.81 3.54 9.63
C GLY B 91 7.71 3.68 11.13
N GLU B 92 6.49 3.92 11.58
CA GLU B 92 6.23 4.22 12.98
C GLU B 92 4.72 4.17 13.19
N GLY B 93 4.29 3.57 14.27
CA GLY B 93 2.87 3.54 14.57
C GLY B 93 2.36 2.18 14.99
N PRO B 94 1.06 2.10 15.27
CA PRO B 94 0.51 0.85 15.80
C PRO B 94 0.80 -0.32 14.88
N GLY B 95 1.22 -1.43 15.48
CA GLY B 95 1.57 -2.62 14.74
C GLY B 95 2.81 -2.52 13.87
N ILE B 96 3.53 -1.41 13.91
CA ILE B 96 4.76 -1.25 13.13
C ILE B 96 5.94 -1.68 13.98
N ALA B 97 6.82 -2.51 13.41
CA ALA B 97 8.02 -2.93 14.13
C ALA B 97 8.87 -1.74 14.55
N THR B 98 9.57 -1.88 15.66
CA THR B 98 10.46 -0.83 16.13
C THR B 98 11.89 -1.34 16.19
N ASN B 99 12.83 -0.41 16.03
CA ASN B 99 14.25 -0.63 16.22
C ASN B 99 14.85 -1.53 15.17
N ILE B 100 14.23 -1.63 13.99
CA ILE B 100 14.86 -2.21 12.82
C ILE B 100 14.68 -1.28 11.64
N GLY B 101 15.71 -1.22 10.79
CA GLY B 101 15.62 -0.55 9.51
C GLY B 101 16.04 -1.52 8.42
N VAL B 102 15.86 -1.08 7.18
CA VAL B 102 16.26 -1.87 6.02
C VAL B 102 17.59 -1.33 5.52
N ALA B 103 18.56 -2.23 5.38
CA ALA B 103 19.92 -1.88 4.98
C ALA B 103 20.23 -2.50 3.63
N LEU B 104 20.98 -1.78 2.81
CA LEU B 104 21.26 -2.16 1.43
C LEU B 104 22.74 -2.43 1.26
N PHE B 105 23.05 -3.45 0.47
CA PHE B 105 24.41 -3.86 0.24
C PHE B 105 24.61 -4.13 -1.25
N ASP B 106 25.87 -4.13 -1.67
CA ASP B 106 26.20 -4.42 -3.06
C ASP B 106 26.32 -5.93 -3.27
N ASP B 107 26.72 -6.34 -4.48
CA ASP B 107 26.90 -7.76 -4.77
C ASP B 107 27.92 -8.42 -3.85
N GLU B 108 28.81 -7.65 -3.25
CA GLU B 108 29.83 -8.19 -2.35
C GLU B 108 29.43 -8.11 -0.88
N GLY B 109 28.20 -7.69 -0.58
CA GLY B 109 27.76 -7.60 0.80
C GLY B 109 28.32 -6.42 1.57
N ASN B 110 28.72 -5.35 0.88
CA ASN B 110 29.19 -4.15 1.53
C ASN B 110 28.08 -3.11 1.56
N LEU B 111 27.95 -2.41 2.68
CA LEU B 111 26.84 -1.50 2.90
C LEU B 111 26.78 -0.41 1.84
N VAL B 112 25.59 -0.19 1.29
CA VAL B 112 25.33 0.94 0.41
C VAL B 112 24.46 1.92 1.18
N PRO B 113 25.05 2.87 1.89
CA PRO B 113 24.24 3.82 2.67
C PRO B 113 23.28 4.59 1.80
N ILE B 114 22.06 4.78 2.31
CA ILE B 114 21.07 5.57 1.60
C ILE B 114 21.40 7.06 1.69
N ASN B 115 20.78 7.84 0.80
CA ASN B 115 20.90 9.30 0.76
C ASN B 115 22.34 9.78 0.54
N ARG B 116 23.11 9.04 -0.24
CA ARG B 116 24.47 9.47 -0.56
C ARG B 116 24.55 9.98 -2.00
N PRO B 117 25.67 10.58 -2.40
CA PRO B 117 25.84 10.99 -3.81
C PRO B 117 25.85 9.79 -4.73
N PRO B 118 25.55 9.97 -6.02
CA PRO B 118 25.49 8.84 -6.94
C PRO B 118 26.84 8.15 -7.06
N ALA B 119 26.80 6.83 -7.19
CA ALA B 119 27.99 6.01 -7.25
C ALA B 119 28.04 5.24 -8.56
N ASN B 120 29.25 5.06 -9.09
CA ASN B 120 29.51 4.22 -10.25
C ASN B 120 30.05 2.88 -9.78
N TRP B 121 29.71 1.82 -10.50
CA TRP B 121 30.04 0.46 -10.09
C TRP B 121 30.93 -0.23 -11.14
N LYS B 122 31.37 -1.45 -10.79
CA LYS B 122 32.38 -2.18 -11.57
C LYS B 122 31.79 -2.69 -12.88
N ARG B 123 32.36 -2.27 -14.00
CA ARG B 123 31.87 -2.64 -15.33
C ARG B 123 32.99 -3.20 -16.21
N GLY B 127 32.04 -5.82 -18.04
CA GLY B 127 30.99 -5.96 -17.05
C GLY B 127 29.70 -6.53 -17.61
N SER B 128 28.58 -6.09 -17.05
CA SER B 128 27.25 -6.52 -17.52
C SER B 128 26.29 -5.36 -17.34
N THR B 129 24.99 -5.63 -17.54
CA THR B 129 23.94 -4.62 -17.49
C THR B 129 22.90 -4.91 -16.42
N SER B 130 23.35 -5.44 -15.29
CA SER B 130 22.47 -5.72 -14.17
C SER B 130 23.17 -5.34 -12.89
N LEU B 131 22.47 -4.61 -12.04
CA LEU B 131 22.98 -4.16 -10.76
C LEU B 131 22.40 -5.07 -9.68
N HIS B 132 23.28 -5.76 -8.98
CA HIS B 132 22.86 -6.76 -8.00
C HIS B 132 23.08 -6.22 -6.60
N PHE B 133 22.02 -6.21 -5.79
CA PHE B 133 22.08 -5.71 -4.44
C PHE B 133 21.56 -6.77 -3.47
N ILE B 134 21.67 -6.45 -2.20
CA ILE B 134 21.17 -7.29 -1.11
C ILE B 134 20.50 -6.38 -0.09
N ALA B 135 19.30 -6.75 0.32
CA ALA B 135 18.57 -6.06 1.38
C ALA B 135 18.63 -6.92 2.64
N LYS B 136 18.69 -6.25 3.79
CA LYS B 136 18.71 -6.91 5.10
C LYS B 136 18.07 -6.02 6.15
N TYR B 137 17.35 -6.65 7.10
CA TYR B 137 16.95 -5.93 8.30
C TYR B 137 18.15 -5.73 9.21
N ARG B 138 18.32 -4.52 9.71
CA ARG B 138 19.39 -4.21 10.63
C ARG B 138 18.79 -3.67 11.92
N ALA B 139 19.26 -4.18 13.04
CA ALA B 139 18.78 -3.67 14.32
C ALA B 139 19.34 -2.27 14.53
N THR B 140 18.47 -1.33 14.81
CA THR B 140 18.87 0.05 15.02
C THR B 140 18.69 0.51 16.46
N GLY B 141 18.11 -0.32 17.31
CA GLY B 141 17.82 0.07 18.68
C GLY B 141 17.98 -1.12 19.60
N ARG B 142 17.76 -0.84 20.89
CA ARG B 142 18.06 -1.83 21.93
C ARG B 142 17.09 -3.00 21.89
N ARG B 143 15.79 -2.71 21.83
CA ARG B 143 14.73 -3.70 21.99
C ARG B 143 13.90 -3.76 20.70
N VAL B 144 14.26 -4.66 19.79
CA VAL B 144 13.45 -4.87 18.60
C VAL B 144 12.09 -5.43 19.00
N THR B 145 11.02 -4.87 18.44
CA THR B 145 9.68 -5.41 18.61
C THR B 145 9.07 -5.64 17.24
N GLY B 146 8.29 -6.71 17.13
CA GLY B 146 7.78 -7.13 15.84
C GLY B 146 6.56 -6.36 15.38
N GLY B 147 6.22 -6.59 14.12
CA GLY B 147 5.17 -5.87 13.45
C GLY B 147 5.45 -5.82 11.97
N ILE B 148 4.68 -5.00 11.27
CA ILE B 148 4.89 -4.83 9.84
C ILE B 148 6.14 -3.98 9.61
N ALA B 149 7.03 -4.48 8.76
CA ALA B 149 8.33 -3.84 8.53
C ALA B 149 8.50 -3.53 7.05
N ASN B 150 7.77 -2.54 6.53
CA ASN B 150 7.87 -2.15 5.13
C ASN B 150 8.77 -0.93 4.98
N ALA B 151 9.59 -0.93 3.94
CA ALA B 151 10.41 0.23 3.62
C ALA B 151 10.14 0.67 2.19
N GLN B 152 10.39 1.96 1.92
CA GLN B 152 10.30 2.53 0.59
C GLN B 152 11.58 3.27 0.24
N ALA B 153 11.95 3.24 -1.03
CA ALA B 153 13.09 4.00 -1.49
C ALA B 153 12.93 4.32 -2.97
N TRP B 154 13.47 5.47 -3.37
CA TRP B 154 13.61 5.80 -4.77
C TRP B 154 15.00 5.40 -5.21
N PHE B 155 15.08 4.78 -6.38
CA PHE B 155 16.35 4.38 -6.96
C PHE B 155 16.62 5.32 -8.13
N SER B 156 17.57 6.22 -7.95
CA SER B 156 17.83 7.25 -8.94
C SER B 156 19.03 6.88 -9.81
N LEU B 157 18.90 7.11 -11.10
CA LEU B 157 19.98 6.93 -12.06
C LEU B 157 20.31 8.28 -12.65
N THR B 158 21.56 8.70 -12.51
CA THR B 158 22.04 9.98 -13.02
C THR B 158 22.96 9.69 -14.19
N TYR B 159 22.56 10.12 -15.38
CA TYR B 159 23.22 9.75 -16.63
C TYR B 159 24.27 10.79 -17.00
N GLN B 160 25.45 10.32 -17.37
CA GLN B 160 26.49 11.23 -17.88
C GLN B 160 25.99 11.88 -19.16
N ALA C 19 4.17 16.34 -59.58
CA ALA C 19 4.86 17.04 -60.66
C ALA C 19 5.23 18.46 -60.24
N GLY C 20 4.52 18.98 -59.23
CA GLY C 20 4.74 20.33 -58.76
C GLY C 20 5.92 20.46 -57.81
N SER C 21 5.94 19.64 -56.76
CA SER C 21 6.99 19.67 -55.75
C SER C 21 8.15 18.82 -56.24
N VAL C 22 9.04 19.45 -57.01
CA VAL C 22 10.18 18.73 -57.57
C VAL C 22 11.10 18.23 -56.46
N ASP C 23 11.54 19.14 -55.58
CA ASP C 23 12.34 18.81 -54.42
C ASP C 23 11.50 18.94 -53.16
N GLN C 24 11.69 18.01 -52.22
CA GLN C 24 10.97 18.06 -50.96
C GLN C 24 11.76 17.31 -49.90
N THR C 25 11.58 17.72 -48.65
CA THR C 25 12.23 17.09 -47.51
C THR C 25 11.18 16.29 -46.74
N VAL C 26 11.42 14.99 -46.59
CA VAL C 26 10.55 14.10 -45.84
C VAL C 26 11.17 13.85 -44.47
N GLN C 27 10.44 14.20 -43.42
CA GLN C 27 10.96 14.05 -42.06
C GLN C 27 10.71 12.64 -41.56
N LEU C 28 11.78 11.94 -41.15
CA LEU C 28 11.67 10.59 -40.64
C LEU C 28 11.52 10.54 -39.13
N GLY C 29 11.75 11.64 -38.42
CA GLY C 29 11.53 11.72 -36.99
C GLY C 29 12.80 11.59 -36.18
N GLN C 30 12.59 11.55 -34.87
CA GLN C 30 13.65 11.28 -33.90
C GLN C 30 13.45 9.85 -33.42
N VAL C 31 14.49 9.02 -33.59
CA VAL C 31 14.39 7.58 -33.36
C VAL C 31 15.50 7.16 -32.41
N ARG C 32 15.10 6.48 -31.33
CA ARG C 32 16.05 6.07 -30.31
C ARG C 32 16.78 4.79 -30.71
N THR C 33 18.06 4.71 -30.32
CA THR C 33 18.94 3.65 -30.80
C THR C 33 18.39 2.26 -30.55
N ALA C 34 17.64 2.05 -29.46
CA ALA C 34 17.13 0.73 -29.16
C ALA C 34 16.07 0.28 -30.15
N SER C 35 15.51 1.19 -30.94
CA SER C 35 14.61 0.83 -32.02
C SER C 35 15.36 0.33 -33.25
N LEU C 36 16.65 0.60 -33.36
CA LEU C 36 17.47 0.18 -34.49
C LEU C 36 18.71 -0.56 -33.97
N ALA C 37 18.48 -1.66 -33.25
CA ALA C 37 19.52 -2.28 -32.44
C ALA C 37 20.16 -3.49 -33.09
N GLN C 38 19.65 -3.95 -34.23
CA GLN C 38 20.19 -5.13 -34.88
C GLN C 38 19.81 -5.07 -36.36
N GLU C 39 20.61 -5.71 -37.20
CA GLU C 39 20.31 -5.79 -38.63
C GLU C 39 18.87 -6.25 -38.83
N GLY C 40 18.16 -5.54 -39.71
CA GLY C 40 16.76 -5.77 -39.98
C GLY C 40 15.81 -4.82 -39.28
N ALA C 41 16.28 -4.15 -38.21
CA ALA C 41 15.43 -3.25 -37.46
C ALA C 41 14.99 -2.06 -38.31
N THR C 42 13.76 -1.62 -38.08
CA THR C 42 13.14 -0.62 -38.94
C THR C 42 12.49 0.46 -38.09
N SER C 43 12.49 1.69 -38.61
CA SER C 43 11.80 2.77 -37.93
C SER C 43 10.33 2.81 -38.35
N SER C 44 9.57 3.70 -37.71
CA SER C 44 8.20 3.94 -38.14
C SER C 44 8.23 4.56 -39.52
N ALA C 45 7.61 3.89 -40.49
CA ALA C 45 7.57 4.40 -41.85
C ALA C 45 6.87 5.75 -41.89
N VAL C 46 7.16 6.52 -42.94
CA VAL C 46 6.64 7.86 -43.11
C VAL C 46 6.21 8.04 -44.55
N GLY C 47 4.92 8.26 -44.78
CA GLY C 47 4.43 8.38 -46.13
C GLY C 47 4.87 9.66 -46.81
N PHE C 48 4.98 9.57 -48.13
CA PHE C 48 5.27 10.71 -48.99
C PHE C 48 4.99 10.30 -50.43
N ASN C 49 4.52 11.24 -51.24
CA ASN C 49 4.12 10.95 -52.60
C ASN C 49 4.59 12.06 -53.53
N ILE C 50 4.30 11.90 -54.81
CA ILE C 50 4.58 12.93 -55.80
C ILE C 50 3.87 12.62 -57.12
N ALA C 64 7.16 2.85 -62.54
CA ALA C 64 7.31 4.01 -63.41
C ALA C 64 8.28 5.02 -62.78
N VAL C 65 8.76 4.70 -61.58
CA VAL C 65 9.70 5.56 -60.86
C VAL C 65 10.91 4.74 -60.47
N ALA C 66 12.10 5.22 -60.85
CA ALA C 66 13.36 4.64 -60.42
C ALA C 66 14.07 5.60 -59.49
N PHE C 67 14.65 5.07 -58.41
CA PHE C 67 15.34 5.86 -57.41
C PHE C 67 16.84 5.59 -57.47
N LEU C 68 17.61 6.63 -57.13
CA LEU C 68 19.06 6.57 -57.26
C LEU C 68 19.71 7.19 -56.04
N GLY C 69 20.56 6.41 -55.37
CA GLY C 69 21.30 6.91 -54.22
C GLY C 69 22.52 6.06 -53.94
N THR C 70 23.27 6.48 -52.92
CA THR C 70 24.45 5.75 -52.49
C THR C 70 24.02 4.64 -51.53
N ALA C 71 24.42 3.41 -51.83
CA ALA C 71 24.11 2.29 -50.95
C ALA C 71 24.89 2.41 -49.66
N ILE C 72 24.28 2.00 -48.55
CA ILE C 72 24.98 2.07 -47.27
C ILE C 72 26.20 1.15 -47.29
N ASP C 73 26.07 0.00 -47.94
CA ASP C 73 27.20 -0.90 -48.19
C ASP C 73 26.80 -1.88 -49.28
N ALA C 74 27.74 -2.76 -49.65
CA ALA C 74 27.52 -3.65 -50.77
C ALA C 74 26.59 -4.82 -50.44
N GLY C 75 26.22 -4.99 -49.18
CA GLY C 75 25.21 -5.97 -48.82
C GLY C 75 23.80 -5.43 -48.76
N HIS C 76 23.61 -4.12 -48.97
CA HIS C 76 22.33 -3.43 -48.77
C HIS C 76 22.13 -2.37 -49.84
N THR C 77 21.98 -2.83 -51.09
CA THR C 77 21.77 -1.89 -52.17
C THR C 77 20.41 -1.20 -52.10
N ASN C 78 19.50 -1.69 -51.25
CA ASN C 78 18.18 -1.09 -51.09
C ASN C 78 18.12 -0.14 -49.91
N VAL C 79 19.26 0.32 -49.41
CA VAL C 79 19.33 1.20 -48.25
C VAL C 79 20.25 2.37 -48.57
N LEU C 80 19.73 3.59 -48.43
CA LEU C 80 20.53 4.78 -48.64
C LEU C 80 21.56 4.94 -47.54
N ALA C 81 22.79 5.26 -47.93
CA ALA C 81 23.79 5.71 -46.97
C ALA C 81 23.40 7.08 -46.42
N LEU C 82 23.69 7.31 -45.14
CA LEU C 82 23.51 8.63 -44.55
C LEU C 82 24.64 9.56 -44.96
N GLN C 83 24.32 10.83 -45.18
CA GLN C 83 25.35 11.83 -45.37
C GLN C 83 25.99 12.16 -44.03
N SER C 84 27.32 12.21 -44.02
CA SER C 84 28.03 12.38 -42.77
C SER C 84 27.97 13.83 -42.31
N SER C 85 28.03 14.01 -41.00
CA SER C 85 27.95 15.31 -40.36
C SER C 85 29.22 15.59 -39.58
N ALA C 86 29.61 16.88 -39.52
CA ALA C 86 30.74 17.24 -38.69
C ALA C 86 30.45 17.00 -37.21
N ALA C 87 29.19 17.07 -36.81
CA ALA C 87 28.79 16.79 -35.44
C ALA C 87 28.83 15.31 -35.10
N GLY C 88 29.03 14.44 -36.09
CA GLY C 88 28.96 13.02 -35.87
C GLY C 88 27.66 12.48 -36.42
N SER C 89 27.74 11.73 -37.51
CA SER C 89 26.56 11.07 -38.04
C SER C 89 26.36 9.70 -37.41
N ALA C 90 25.13 9.22 -37.48
CA ALA C 90 24.81 7.89 -36.98
C ALA C 90 25.47 6.83 -37.86
N THR C 91 25.66 5.64 -37.28
CA THR C 91 26.26 4.50 -37.95
C THR C 91 25.34 3.29 -37.85
N ASN C 92 25.57 2.33 -38.74
CA ASN C 92 24.84 1.07 -38.80
C ASN C 92 23.36 1.27 -39.12
N VAL C 93 23.03 2.31 -39.88
CA VAL C 93 21.64 2.59 -40.21
C VAL C 93 21.59 3.49 -41.44
N GLY C 94 20.64 3.20 -42.32
CA GLY C 94 20.37 4.01 -43.49
C GLY C 94 18.89 4.14 -43.77
N VAL C 95 18.54 4.72 -44.92
CA VAL C 95 17.15 5.04 -45.25
C VAL C 95 16.68 4.17 -46.41
N GLN C 96 15.50 3.59 -46.27
CA GLN C 96 14.86 2.79 -47.30
C GLN C 96 13.68 3.54 -47.89
N ILE C 97 13.33 3.17 -49.12
CA ILE C 97 12.17 3.73 -49.81
C ILE C 97 11.30 2.57 -50.29
N LEU C 98 10.00 2.66 -50.05
CA LEU C 98 9.06 1.59 -50.38
C LEU C 98 7.92 2.14 -51.23
N ASP C 99 7.45 1.34 -52.19
CA ASP C 99 6.37 1.75 -53.07
C ASP C 99 5.04 1.28 -52.48
N ARG C 100 4.00 1.18 -53.32
CA ARG C 100 2.71 0.70 -52.84
C ARG C 100 2.77 -0.76 -52.44
N THR C 101 3.69 -1.54 -53.04
CA THR C 101 3.80 -2.96 -52.71
C THR C 101 4.37 -3.20 -51.32
N GLY C 102 4.83 -2.15 -50.65
CA GLY C 102 5.48 -2.30 -49.36
C GLY C 102 6.90 -2.82 -49.41
N ALA C 103 7.43 -3.10 -50.60
CA ALA C 103 8.78 -3.60 -50.72
C ALA C 103 9.77 -2.45 -50.85
N ALA C 104 10.98 -2.68 -50.34
CA ALA C 104 12.02 -1.66 -50.41
C ALA C 104 12.62 -1.62 -51.80
N LEU C 105 12.63 -0.44 -52.41
CA LEU C 105 13.09 -0.29 -53.78
C LEU C 105 14.61 -0.31 -53.87
N THR C 106 15.13 -0.90 -54.93
CA THR C 106 16.56 -0.84 -55.18
C THR C 106 16.95 0.56 -55.68
N LEU C 107 18.19 0.95 -55.38
CA LEU C 107 18.59 2.35 -55.50
C LEU C 107 19.73 2.50 -56.49
N ASP C 108 19.55 1.96 -57.69
CA ASP C 108 20.54 2.06 -58.75
C ASP C 108 20.07 2.95 -59.90
N GLY C 109 18.88 3.54 -59.80
CA GLY C 109 18.33 4.29 -60.91
C GLY C 109 17.87 3.45 -62.08
N ALA C 110 17.87 2.13 -61.93
CA ALA C 110 17.43 1.18 -62.96
C ALA C 110 16.24 0.35 -62.53
N THR C 111 16.21 -0.09 -61.28
CA THR C 111 15.05 -0.80 -60.76
C THR C 111 13.86 0.16 -60.66
N PHE C 112 12.74 -0.21 -61.27
CA PHE C 112 11.55 0.61 -61.30
C PHE C 112 10.45 0.03 -60.42
N SER C 113 9.61 0.91 -59.88
CA SER C 113 8.52 0.55 -58.99
C SER C 113 7.19 0.78 -59.67
N SER C 114 6.21 -0.07 -59.36
CA SER C 114 4.87 0.10 -59.90
C SER C 114 3.94 0.70 -58.85
N THR C 124 -2.14 10.56 -57.62
CA THR C 124 -0.69 10.54 -57.47
C THR C 124 -0.20 9.20 -56.95
N ILE C 125 1.10 8.97 -57.06
CA ILE C 125 1.73 7.71 -56.67
C ILE C 125 2.33 7.89 -55.27
N PRO C 126 1.86 7.17 -54.26
CA PRO C 126 2.44 7.30 -52.93
C PRO C 126 3.61 6.36 -52.69
N PHE C 127 4.47 6.78 -51.75
CA PHE C 127 5.56 5.96 -51.23
C PHE C 127 5.61 6.13 -49.72
N GLN C 128 6.58 5.48 -49.10
CA GLN C 128 6.93 5.77 -47.71
C GLN C 128 8.42 5.52 -47.53
N ALA C 129 8.99 6.16 -46.51
CA ALA C 129 10.41 6.07 -46.20
C ALA C 129 10.57 5.72 -44.72
N ARG C 130 11.74 5.18 -44.38
CA ARG C 130 11.99 4.72 -43.03
C ARG C 130 13.47 4.46 -42.87
N TYR C 131 13.89 4.24 -41.62
CA TYR C 131 15.24 3.83 -41.31
C TYR C 131 15.36 2.32 -41.35
N PHE C 132 16.55 1.85 -41.72
CA PHE C 132 16.88 0.44 -41.71
C PHE C 132 18.21 0.29 -41.00
N ALA C 133 18.30 -0.66 -40.08
CA ALA C 133 19.51 -0.89 -39.30
C ALA C 133 20.31 -2.03 -39.90
N THR C 134 21.62 -1.83 -40.07
CA THR C 134 22.50 -2.89 -40.51
C THR C 134 23.32 -3.49 -39.36
N GLY C 135 23.28 -2.87 -38.20
CA GLY C 135 23.97 -3.37 -37.03
C GLY C 135 23.30 -2.74 -35.87
N ALA C 136 24.05 -2.54 -34.79
CA ALA C 136 23.56 -1.75 -33.66
C ALA C 136 23.77 -0.29 -34.01
N ALA C 137 22.69 0.41 -34.32
CA ALA C 137 22.80 1.81 -34.72
C ALA C 137 23.30 2.67 -33.56
N THR C 138 24.13 3.64 -33.89
CA THR C 138 24.67 4.57 -32.90
C THR C 138 24.04 5.94 -33.06
N PRO C 139 24.11 6.78 -32.02
CA PRO C 139 23.45 8.09 -32.11
C PRO C 139 24.14 9.00 -33.11
N GLY C 140 23.42 10.06 -33.50
CA GLY C 140 23.92 11.04 -34.43
C GLY C 140 22.90 11.48 -35.47
N ALA C 141 23.25 12.48 -36.27
CA ALA C 141 22.37 12.89 -37.37
C ALA C 141 22.23 11.78 -38.39
N ALA C 142 21.06 11.73 -39.04
CA ALA C 142 20.73 10.66 -39.97
C ALA C 142 19.95 11.25 -41.16
N ASN C 143 20.64 12.02 -41.99
CA ASN C 143 20.03 12.55 -43.20
C ASN C 143 20.53 11.75 -44.40
N ALA C 144 19.69 11.69 -45.44
CA ALA C 144 19.97 10.82 -46.56
C ALA C 144 19.56 11.51 -47.85
N ASP C 145 20.25 11.15 -48.93
CA ASP C 145 20.12 11.79 -50.24
C ASP C 145 19.59 10.81 -51.27
N ALA C 146 18.73 11.29 -52.16
CA ALA C 146 18.31 10.49 -53.31
C ALA C 146 17.85 11.41 -54.43
N THR C 147 17.75 10.83 -55.63
CA THR C 147 17.14 11.47 -56.78
C THR C 147 16.25 10.46 -57.48
N PHE C 148 15.47 10.96 -58.45
CA PHE C 148 14.58 10.10 -59.21
C PHE C 148 14.23 10.77 -60.52
N LYS C 149 14.37 10.04 -61.61
CA LYS C 149 13.80 10.40 -62.89
C LYS C 149 12.47 9.67 -63.03
N VAL C 150 11.77 9.92 -64.14
CA VAL C 150 10.49 9.28 -64.38
C VAL C 150 10.48 8.68 -65.78
N GLN C 151 9.76 7.57 -65.93
CA GLN C 151 9.76 6.79 -67.16
C GLN C 151 8.34 6.29 -67.43
N TYR C 152 8.01 6.17 -68.72
CA TYR C 152 6.68 5.76 -69.14
C TYR C 152 6.73 4.54 -70.04
N GLY D 1 -16.02 -3.17 4.19
CA GLY D 1 -16.03 -2.84 5.60
C GLY D 1 -15.67 -4.02 6.48
N VAL D 2 -14.77 -3.80 7.43
CA VAL D 2 -14.30 -4.84 8.34
C VAL D 2 -14.83 -4.56 9.74
N ALA D 3 -15.40 -5.59 10.37
CA ALA D 3 -15.86 -5.51 11.75
C ALA D 3 -15.34 -6.71 12.53
N LEU D 4 -15.29 -6.55 13.84
CA LEU D 4 -15.04 -7.67 14.74
C LEU D 4 -16.35 -8.26 15.20
N GLY D 5 -16.34 -9.57 15.47
CA GLY D 5 -17.53 -10.24 15.94
C GLY D 5 -17.85 -10.11 17.40
N ALA D 6 -17.07 -9.35 18.17
CA ALA D 6 -17.34 -9.15 19.57
C ALA D 6 -16.76 -7.81 20.00
N THR D 7 -17.40 -7.17 20.99
CA THR D 7 -16.85 -5.96 21.60
C THR D 7 -15.95 -6.26 22.78
N ARG D 8 -15.97 -7.49 23.30
CA ARG D 8 -14.95 -7.93 24.24
C ARG D 8 -14.76 -9.42 24.08
N VAL D 9 -13.63 -9.92 24.60
CA VAL D 9 -13.33 -11.34 24.57
C VAL D 9 -13.11 -11.79 26.01
N ILE D 10 -13.93 -12.74 26.46
CA ILE D 10 -13.71 -13.40 27.74
C ILE D 10 -12.87 -14.64 27.46
N TYR D 11 -11.62 -14.63 27.93
CA TYR D 11 -10.77 -15.80 27.77
C TYR D 11 -10.81 -16.65 29.02
N PRO D 12 -11.49 -17.81 29.00
CA PRO D 12 -11.55 -18.67 30.20
C PRO D 12 -10.22 -19.39 30.39
N ALA D 13 -9.56 -19.14 31.52
CA ALA D 13 -8.28 -19.77 31.82
C ALA D 13 -8.43 -21.29 31.82
N GLY D 14 -7.64 -21.96 30.97
CA GLY D 14 -7.72 -23.39 30.77
C GLY D 14 -8.07 -23.78 29.35
N GLN D 15 -8.80 -22.92 28.64
CA GLN D 15 -9.15 -23.19 27.26
C GLN D 15 -7.89 -23.15 26.38
N LYS D 16 -7.76 -24.13 25.50
CA LYS D 16 -6.60 -24.18 24.61
C LYS D 16 -6.50 -22.94 23.73
N GLN D 17 -7.64 -22.39 23.31
CA GLN D 17 -7.68 -21.23 22.44
C GLN D 17 -9.09 -20.66 22.44
N GLU D 18 -9.19 -19.38 22.10
CA GLU D 18 -10.47 -18.71 21.94
C GLU D 18 -10.56 -18.07 20.57
N GLN D 19 -11.78 -17.99 20.04
CA GLN D 19 -12.00 -17.51 18.68
C GLN D 19 -12.53 -16.08 18.70
N LEU D 20 -12.22 -15.34 17.65
CA LEU D 20 -12.74 -14.00 17.44
C LEU D 20 -12.99 -13.82 15.95
N ALA D 21 -14.23 -13.52 15.59
CA ALA D 21 -14.62 -13.44 14.18
C ALA D 21 -14.19 -12.12 13.58
N VAL D 22 -13.78 -12.17 12.32
CA VAL D 22 -13.52 -10.98 11.52
C VAL D 22 -14.29 -11.13 10.22
N THR D 23 -14.98 -10.08 9.81
CA THR D 23 -15.82 -10.13 8.62
C THR D 23 -15.53 -8.97 7.70
N ASN D 24 -15.82 -9.17 6.41
CA ASN D 24 -15.74 -8.11 5.41
C ASN D 24 -16.97 -8.25 4.53
N ASN D 25 -17.80 -7.20 4.47
CA ASN D 25 -19.07 -7.28 3.76
C ASN D 25 -19.03 -6.60 2.39
N ASP D 26 -17.85 -6.41 1.81
CA ASP D 26 -17.71 -5.69 0.55
C ASP D 26 -17.05 -6.60 -0.48
N GLU D 27 -17.82 -7.01 -1.48
CA GLU D 27 -17.31 -7.89 -2.53
C GLU D 27 -16.25 -7.22 -3.38
N ASN D 28 -16.12 -5.89 -3.31
CA ASN D 28 -15.27 -5.13 -4.22
C ASN D 28 -14.08 -4.50 -3.50
N SER D 29 -13.51 -5.21 -2.53
CA SER D 29 -12.36 -4.67 -1.82
C SER D 29 -11.64 -5.78 -1.06
N THR D 30 -10.32 -5.66 -1.00
CA THR D 30 -9.47 -6.57 -0.26
C THR D 30 -8.94 -5.85 0.97
N TYR D 31 -8.77 -6.59 2.05
CA TYR D 31 -8.22 -6.01 3.28
C TYR D 31 -7.13 -6.91 3.82
N LEU D 32 -6.07 -6.28 4.33
CA LEU D 32 -5.09 -6.96 5.14
C LEU D 32 -5.50 -6.82 6.60
N ILE D 33 -5.44 -7.93 7.34
CA ILE D 33 -5.84 -7.96 8.74
C ILE D 33 -4.61 -8.26 9.58
N GLN D 34 -4.15 -7.26 10.32
CA GLN D 34 -3.08 -7.44 11.30
C GLN D 34 -3.67 -7.39 12.70
N SER D 35 -3.18 -8.27 13.58
CA SER D 35 -3.74 -8.36 14.91
C SER D 35 -2.63 -8.60 15.93
N TRP D 36 -2.75 -7.93 17.08
CA TRP D 36 -1.84 -8.15 18.19
C TRP D 36 -2.57 -7.84 19.49
N VAL D 37 -1.92 -8.18 20.60
CA VAL D 37 -2.48 -7.96 21.93
C VAL D 37 -1.55 -7.02 22.68
N GLU D 38 -2.15 -5.98 23.26
CA GLU D 38 -1.45 -5.08 24.18
C GLU D 38 -1.89 -5.39 25.60
N ASN D 39 -1.10 -4.93 26.56
CA ASN D 39 -1.46 -5.09 27.96
C ASN D 39 -2.33 -3.91 28.39
N ALA D 40 -2.64 -3.83 29.68
CA ALA D 40 -3.47 -2.74 30.19
C ALA D 40 -2.93 -1.37 29.81
N ASP D 41 -1.63 -1.26 29.60
CA ASP D 41 -0.99 0.02 29.29
C ASP D 41 -0.80 0.25 27.79
N GLY D 42 -1.51 -0.51 26.94
CA GLY D 42 -1.34 -0.35 25.51
C GLY D 42 -0.01 -0.81 24.95
N VAL D 43 0.77 -1.55 25.73
CA VAL D 43 2.08 -2.02 25.33
C VAL D 43 1.96 -3.41 24.73
N LYS D 44 2.55 -3.61 23.56
CA LYS D 44 2.53 -4.91 22.90
C LYS D 44 2.99 -5.99 23.86
N ASP D 45 2.24 -7.09 23.92
CA ASP D 45 2.45 -8.09 24.96
C ASP D 45 2.41 -9.48 24.35
N GLY D 46 3.37 -10.31 24.73
CA GLY D 46 3.47 -11.65 24.20
C GLY D 46 2.81 -12.74 25.02
N ARG D 47 2.01 -12.39 26.03
CA ARG D 47 1.35 -13.41 26.84
C ARG D 47 0.07 -13.94 26.19
N PHE D 48 -0.37 -13.34 25.10
CA PHE D 48 -1.39 -13.93 24.25
C PHE D 48 -0.91 -13.88 22.81
N ILE D 49 -1.18 -14.94 22.07
CA ILE D 49 -0.76 -15.05 20.67
C ILE D 49 -2.00 -15.07 19.80
N VAL D 50 -1.95 -14.34 18.69
CA VAL D 50 -3.06 -14.26 17.74
C VAL D 50 -2.60 -14.84 16.42
N THR D 51 -3.36 -15.82 15.92
CA THR D 51 -3.12 -16.36 14.58
C THR D 51 -4.40 -16.31 13.78
N PRO D 52 -4.32 -15.95 12.49
CA PRO D 52 -3.05 -15.51 11.91
C PRO D 52 -2.79 -14.04 12.23
N PRO D 53 -1.56 -13.71 12.59
CA PRO D 53 -1.24 -12.30 12.86
C PRO D 53 -1.39 -11.42 11.66
N LEU D 54 -1.36 -11.99 10.45
CA LEU D 54 -1.49 -11.20 9.24
C LEU D 54 -2.07 -12.09 8.15
N PHE D 55 -3.20 -11.68 7.59
CA PHE D 55 -3.84 -12.44 6.52
C PHE D 55 -4.75 -11.51 5.71
N ALA D 56 -5.15 -11.98 4.54
CA ALA D 56 -5.92 -11.21 3.58
C ALA D 56 -7.38 -11.64 3.57
N MET D 57 -8.25 -10.70 3.17
CA MET D 57 -9.67 -10.97 2.99
C MET D 57 -10.10 -10.24 1.71
N LYS D 58 -10.47 -11.00 0.69
CA LYS D 58 -10.96 -10.46 -0.57
C LYS D 58 -12.45 -10.74 -0.66
N GLY D 59 -13.25 -9.68 -0.75
CA GLY D 59 -14.68 -9.84 -0.92
C GLY D 59 -15.40 -10.20 0.36
N LYS D 60 -16.67 -10.57 0.22
CA LYS D 60 -17.49 -10.95 1.36
C LYS D 60 -16.95 -12.26 1.97
N LYS D 61 -16.56 -12.21 3.23
CA LYS D 61 -15.83 -13.31 3.84
C LYS D 61 -15.89 -13.16 5.36
N GLU D 62 -15.85 -14.30 6.05
CA GLU D 62 -15.71 -14.35 7.50
C GLU D 62 -14.53 -15.24 7.85
N ASN D 63 -13.51 -14.68 8.47
CA ASN D 63 -12.37 -15.44 8.94
C ASN D 63 -12.38 -15.49 10.46
N THR D 64 -11.63 -16.41 11.03
CA THR D 64 -11.60 -16.63 12.46
C THR D 64 -10.21 -16.35 13.01
N LEU D 65 -10.11 -15.36 13.89
CA LEU D 65 -8.91 -15.16 14.68
C LEU D 65 -8.89 -16.14 15.84
N ARG D 66 -7.73 -16.75 16.07
CA ARG D 66 -7.57 -17.71 17.15
C ARG D 66 -6.62 -17.12 18.18
N ILE D 67 -7.14 -16.84 19.37
CA ILE D 67 -6.37 -16.28 20.47
C ILE D 67 -5.85 -17.43 21.33
N LEU D 68 -4.53 -17.49 21.52
CA LEU D 68 -3.87 -18.62 22.17
C LEU D 68 -3.25 -18.18 23.49
N ASP D 69 -3.49 -18.96 24.54
CA ASP D 69 -2.99 -18.66 25.88
C ASP D 69 -1.54 -19.10 25.99
N ALA D 70 -0.62 -18.13 25.97
CA ALA D 70 0.79 -18.40 26.24
C ALA D 70 1.22 -17.87 27.59
N THR D 71 0.28 -17.51 28.46
CA THR D 71 0.63 -16.99 29.77
C THR D 71 1.31 -18.04 30.63
N ASN D 72 0.96 -19.31 30.42
CA ASN D 72 1.49 -20.43 31.22
C ASN D 72 1.20 -20.25 32.71
N ASN D 73 0.01 -19.73 33.00
CA ASN D 73 -0.46 -19.49 34.37
C ASN D 73 0.57 -18.66 35.16
N GLN D 74 0.60 -17.38 34.83
CA GLN D 74 1.50 -16.44 35.47
C GLN D 74 0.79 -15.19 35.99
N LEU D 75 -0.51 -15.08 35.78
CA LEU D 75 -1.31 -13.95 36.18
C LEU D 75 -2.10 -14.28 37.44
N PRO D 76 -2.67 -13.28 38.11
CA PRO D 76 -3.47 -13.56 39.30
C PRO D 76 -4.57 -14.57 39.00
N GLN D 77 -4.85 -15.42 39.98
CA GLN D 77 -5.93 -16.40 39.90
C GLN D 77 -7.17 -15.97 40.65
N ASP D 78 -7.15 -14.80 41.28
CA ASP D 78 -8.27 -14.29 42.07
C ASP D 78 -9.01 -13.16 41.39
N ARG D 79 -8.50 -12.64 40.27
CA ARG D 79 -9.11 -11.51 39.60
C ARG D 79 -8.89 -11.66 38.10
N GLU D 80 -9.73 -10.95 37.34
CA GLU D 80 -9.51 -10.85 35.91
C GLU D 80 -8.28 -9.99 35.64
N SER D 81 -7.63 -10.25 34.50
CA SER D 81 -6.57 -9.40 33.98
C SER D 81 -7.06 -8.76 32.70
N LEU D 82 -6.57 -7.55 32.42
CA LEU D 82 -7.05 -6.76 31.29
C LEU D 82 -6.00 -6.70 30.19
N PHE D 83 -6.40 -7.08 28.99
CA PHE D 83 -5.59 -6.97 27.79
C PHE D 83 -6.44 -6.32 26.71
N TRP D 84 -5.78 -5.89 25.62
CA TRP D 84 -6.45 -5.24 24.51
C TRP D 84 -6.16 -5.99 23.23
N MET D 85 -7.23 -6.47 22.58
CA MET D 85 -7.14 -7.04 21.24
C MET D 85 -7.13 -5.90 20.24
N ASN D 86 -6.10 -5.86 19.41
CA ASN D 86 -6.01 -4.87 18.35
C ASN D 86 -6.15 -5.58 17.01
N VAL D 87 -7.07 -5.11 16.18
CA VAL D 87 -7.27 -5.68 14.85
C VAL D 87 -7.19 -4.53 13.86
N LYS D 88 -6.11 -4.50 13.08
CA LYS D 88 -5.90 -3.45 12.07
C LYS D 88 -6.39 -3.94 10.71
N ALA D 89 -7.16 -3.10 10.03
CA ALA D 89 -7.78 -3.44 8.75
C ALA D 89 -7.17 -2.54 7.68
N ILE D 90 -6.09 -3.02 7.07
CA ILE D 90 -5.42 -2.27 6.00
C ILE D 90 -6.18 -2.50 4.70
N PRO D 91 -6.56 -1.44 4.00
CA PRO D 91 -7.21 -1.64 2.70
C PRO D 91 -6.18 -1.71 1.58
N SER D 92 -6.24 -2.78 0.77
CA SER D 92 -5.38 -2.92 -0.41
C SER D 92 -5.98 -2.08 -1.53
N MET D 93 -5.85 -0.76 -1.37
CA MET D 93 -6.58 0.20 -2.18
C MET D 93 -5.97 0.31 -3.58
N ASP D 94 -6.74 0.92 -4.47
CA ASP D 94 -6.33 1.18 -5.84
C ASP D 94 -6.87 2.55 -6.21
N LYS D 95 -5.97 3.52 -6.38
CA LYS D 95 -6.38 4.90 -6.64
C LYS D 95 -7.12 5.03 -7.97
N SER D 96 -8.42 5.33 -7.90
CA SER D 96 -9.09 5.88 -9.07
C SER D 96 -8.55 7.26 -9.37
N LYS D 97 -8.24 8.02 -8.32
CA LYS D 97 -7.58 9.32 -8.42
C LYS D 97 -6.08 9.14 -8.23
N LEU D 98 -5.47 8.47 -9.21
CA LEU D 98 -4.04 8.17 -9.14
C LEU D 98 -3.22 9.45 -9.05
N THR D 99 -3.60 10.47 -9.82
CA THR D 99 -2.85 11.71 -9.92
C THR D 99 -3.17 12.69 -8.80
N GLU D 100 -3.93 12.28 -7.80
CA GLU D 100 -4.43 13.21 -6.78
C GLU D 100 -3.78 12.92 -5.43
N ASN D 101 -3.43 13.99 -4.72
CA ASN D 101 -3.04 13.87 -3.33
C ASN D 101 -4.20 13.29 -2.52
N THR D 102 -3.90 12.32 -1.67
CA THR D 102 -4.95 11.71 -0.86
C THR D 102 -4.47 11.50 0.56
N LEU D 103 -5.43 11.60 1.49
CA LEU D 103 -5.28 11.07 2.83
C LEU D 103 -5.87 9.66 2.84
N GLN D 104 -5.07 8.68 3.24
CA GLN D 104 -5.48 7.28 3.26
C GLN D 104 -5.69 6.81 4.69
N LEU D 105 -6.86 6.24 4.96
CA LEU D 105 -7.22 5.78 6.29
C LEU D 105 -7.21 4.27 6.36
N ALA D 106 -6.64 3.74 7.44
CA ALA D 106 -6.85 2.36 7.85
C ALA D 106 -7.55 2.37 9.19
N ILE D 107 -8.33 1.33 9.45
CA ILE D 107 -9.14 1.26 10.65
C ILE D 107 -8.50 0.28 11.63
N ILE D 108 -8.33 0.72 12.87
CA ILE D 108 -7.93 -0.17 13.96
C ILE D 108 -9.10 -0.26 14.95
N SER D 109 -9.50 -1.49 15.27
CA SER D 109 -10.49 -1.74 16.30
C SER D 109 -9.80 -2.34 17.53
N ARG D 110 -10.21 -1.88 18.71
CA ARG D 110 -9.56 -2.23 19.97
C ARG D 110 -10.62 -2.64 20.98
N ILE D 111 -10.60 -3.91 21.38
CA ILE D 111 -11.60 -4.44 22.32
C ILE D 111 -10.89 -5.12 23.48
N LYS D 112 -11.53 -5.07 24.64
CA LYS D 112 -10.91 -5.62 25.84
C LYS D 112 -10.84 -7.13 25.77
N LEU D 113 -9.73 -7.69 26.24
CA LEU D 113 -9.51 -9.13 26.37
C LEU D 113 -9.35 -9.44 27.85
N TYR D 114 -10.36 -10.07 28.44
CA TYR D 114 -10.36 -10.39 29.87
C TYR D 114 -9.86 -11.80 30.09
N TYR D 115 -8.76 -11.92 30.82
CA TYR D 115 -8.32 -13.22 31.30
C TYR D 115 -9.12 -13.56 32.55
N ARG D 116 -9.95 -14.59 32.46
CA ARG D 116 -10.83 -14.94 33.57
C ARG D 116 -10.42 -16.26 34.20
N PRO D 117 -9.84 -16.25 35.40
CA PRO D 117 -9.48 -17.51 36.08
C PRO D 117 -10.70 -18.42 36.26
N ALA D 118 -10.41 -19.67 36.63
CA ALA D 118 -11.45 -20.70 36.72
C ALA D 118 -12.20 -20.64 38.04
N LYS D 119 -11.60 -21.13 39.11
CA LYS D 119 -12.26 -21.08 40.43
C LYS D 119 -12.31 -19.62 40.89
N LEU D 120 -13.52 -19.11 41.07
CA LEU D 120 -13.72 -17.74 41.49
C LEU D 120 -14.92 -17.69 42.42
N ALA D 121 -14.79 -16.92 43.51
CA ALA D 121 -15.82 -16.95 44.55
C ALA D 121 -17.19 -16.54 44.00
N LEU D 122 -17.22 -15.51 43.16
CA LEU D 122 -18.46 -14.99 42.61
C LEU D 122 -18.64 -15.45 41.17
N PRO D 123 -19.87 -15.73 40.75
CA PRO D 123 -20.14 -15.85 39.33
C PRO D 123 -20.27 -14.47 38.71
N PRO D 124 -20.04 -14.34 37.40
CA PRO D 124 -20.07 -13.01 36.77
C PRO D 124 -21.43 -12.36 36.74
N ASP D 125 -22.53 -13.11 36.83
CA ASP D 125 -23.85 -12.51 36.71
C ASP D 125 -24.20 -11.63 37.91
N GLN D 126 -23.89 -12.09 39.12
CA GLN D 126 -24.13 -11.30 40.32
C GLN D 126 -23.06 -10.26 40.58
N ALA D 127 -22.23 -9.95 39.59
CA ALA D 127 -21.09 -9.06 39.82
C ALA D 127 -21.52 -7.59 39.81
N ALA D 128 -22.35 -7.20 38.83
CA ALA D 128 -22.75 -5.80 38.72
C ALA D 128 -23.47 -5.31 39.98
N GLU D 129 -24.37 -6.12 40.55
CA GLU D 129 -25.13 -5.63 41.70
C GLU D 129 -24.28 -5.41 42.95
N LYS D 130 -23.06 -5.93 42.99
CA LYS D 130 -22.22 -5.79 44.18
C LYS D 130 -21.43 -4.49 44.21
N LEU D 131 -21.61 -3.62 43.21
CA LEU D 131 -20.93 -2.33 43.17
C LEU D 131 -21.41 -1.44 44.33
N ARG D 132 -20.58 -0.45 44.67
CA ARG D 132 -20.86 0.43 45.79
C ARG D 132 -20.38 1.84 45.46
N PHE D 133 -20.82 2.81 46.26
CA PHE D 133 -20.57 4.22 45.98
C PHE D 133 -20.16 4.98 47.23
N ARG D 134 -19.19 5.88 47.07
CA ARG D 134 -18.80 6.85 48.08
C ARG D 134 -18.95 8.25 47.49
N ARG D 135 -19.84 9.05 48.05
CA ARG D 135 -20.15 10.38 47.52
C ARG D 135 -19.41 11.44 48.31
N SER D 136 -18.48 12.13 47.67
CA SER D 136 -17.82 13.28 48.25
C SER D 136 -18.53 14.55 47.76
N ALA D 137 -17.95 15.71 48.06
CA ALA D 137 -18.60 16.98 47.76
C ALA D 137 -18.83 17.16 46.27
N ASN D 138 -17.80 16.90 45.46
CA ASN D 138 -17.91 17.05 44.01
C ASN D 138 -17.20 15.92 43.27
N SER D 139 -17.17 14.73 43.87
CA SER D 139 -16.55 13.57 43.23
C SER D 139 -17.30 12.32 43.69
N LEU D 140 -17.47 11.37 42.77
CA LEU D 140 -18.10 10.10 43.07
C LEU D 140 -17.09 8.97 42.87
N THR D 141 -17.08 8.02 43.81
CA THR D 141 -16.16 6.90 43.79
C THR D 141 -16.95 5.60 43.67
N LEU D 142 -16.48 4.71 42.80
CA LEU D 142 -17.12 3.44 42.51
C LEU D 142 -16.26 2.31 43.08
N ILE D 143 -16.80 1.55 44.01
CA ILE D 143 -16.08 0.50 44.72
C ILE D 143 -16.53 -0.86 44.21
N ASN D 144 -15.58 -1.69 43.82
CA ASN D 144 -15.85 -2.98 43.20
C ASN D 144 -15.25 -4.11 44.03
N PRO D 145 -16.01 -4.77 44.90
CA PRO D 145 -15.47 -5.89 45.68
C PRO D 145 -15.33 -7.18 44.90
N THR D 146 -15.78 -7.22 43.64
CA THR D 146 -15.84 -8.43 42.84
C THR D 146 -14.53 -8.64 42.09
N PRO D 147 -14.29 -9.87 41.60
CA PRO D 147 -13.06 -10.13 40.85
C PRO D 147 -13.17 -9.86 39.36
N TYR D 148 -14.16 -9.08 38.94
CA TYR D 148 -14.42 -8.85 37.53
C TYR D 148 -14.33 -7.36 37.20
N TYR D 149 -13.74 -7.05 36.05
CA TYR D 149 -13.73 -5.67 35.59
C TYR D 149 -15.15 -5.22 35.28
N LEU D 150 -15.60 -4.18 35.95
CA LEU D 150 -16.93 -3.64 35.74
C LEU D 150 -16.84 -2.40 34.86
N THR D 151 -17.52 -2.45 33.74
CA THR D 151 -17.64 -1.30 32.84
C THR D 151 -18.98 -0.65 33.16
N VAL D 152 -18.93 0.53 33.78
CA VAL D 152 -20.12 1.17 34.31
C VAL D 152 -20.51 2.32 33.41
N THR D 153 -21.78 2.38 33.02
CA THR D 153 -22.26 3.38 32.09
C THR D 153 -23.71 3.71 32.41
N GLU D 154 -24.25 4.68 31.67
CA GLU D 154 -25.53 5.30 32.01
C GLU D 154 -25.59 5.63 33.50
N LEU D 155 -24.51 6.22 33.98
CA LEU D 155 -24.35 6.54 35.40
C LEU D 155 -25.00 7.88 35.67
N ASN D 156 -26.16 7.86 36.32
CA ASN D 156 -26.91 9.07 36.63
C ASN D 156 -26.83 9.37 38.12
N ALA D 157 -26.86 10.67 38.43
CA ALA D 157 -26.98 11.16 39.80
C ALA D 157 -28.16 12.12 39.78
N GLY D 158 -29.31 11.67 40.27
CA GLY D 158 -30.52 12.43 40.07
C GLY D 158 -30.75 12.64 38.59
N THR D 159 -30.81 13.91 38.18
CA THR D 159 -31.03 14.27 36.79
C THR D 159 -29.74 14.36 35.99
N ARG D 160 -28.58 14.34 36.64
CA ARG D 160 -27.32 14.59 35.96
C ARG D 160 -26.65 13.29 35.54
N VAL D 161 -26.15 13.27 34.30
CA VAL D 161 -25.49 12.11 33.72
C VAL D 161 -23.98 12.24 33.91
N LEU D 162 -23.37 11.22 34.49
CA LEU D 162 -21.93 11.24 34.76
C LEU D 162 -21.16 10.54 33.66
N GLU D 163 -19.85 10.77 33.65
CA GLU D 163 -18.98 10.07 32.72
C GLU D 163 -18.98 8.59 33.06
N ASN D 164 -18.69 7.77 32.05
CA ASN D 164 -18.57 6.34 32.28
C ASN D 164 -17.31 6.01 33.06
N ALA D 165 -17.25 4.80 33.59
CA ALA D 165 -16.12 4.41 34.42
C ALA D 165 -15.82 2.93 34.26
N LEU D 166 -14.53 2.61 34.27
CA LEU D 166 -14.06 1.24 34.28
C LEU D 166 -13.49 0.96 35.67
N VAL D 167 -14.11 0.03 36.38
CA VAL D 167 -13.81 -0.21 37.79
C VAL D 167 -13.07 -1.53 37.89
N PRO D 168 -11.80 -1.52 38.32
CA PRO D 168 -10.99 -2.73 38.32
C PRO D 168 -11.42 -3.69 39.41
N PRO D 169 -11.12 -4.97 39.27
CA PRO D 169 -11.50 -5.94 40.30
C PRO D 169 -10.86 -5.60 41.63
N MET D 170 -11.68 -5.62 42.68
CA MET D 170 -11.21 -5.35 44.04
C MET D 170 -10.47 -4.01 44.11
N GLY D 171 -10.92 -3.05 43.30
CA GLY D 171 -10.37 -1.72 43.28
C GLY D 171 -11.44 -0.64 43.19
N GLU D 172 -11.05 0.57 42.83
CA GLU D 172 -11.95 1.71 42.79
C GLU D 172 -11.76 2.48 41.48
N SER D 173 -12.69 3.39 41.22
CA SER D 173 -12.58 4.32 40.11
C SER D 173 -13.42 5.54 40.44
N THR D 174 -12.92 6.72 40.11
CA THR D 174 -13.57 7.97 40.52
C THR D 174 -13.86 8.83 39.29
N VAL D 175 -15.09 9.35 39.22
CA VAL D 175 -15.50 10.26 38.17
C VAL D 175 -15.86 11.60 38.82
N LYS D 176 -15.91 12.63 38.00
CA LYS D 176 -16.30 13.95 38.48
C LYS D 176 -17.78 13.95 38.86
N LEU D 177 -18.17 14.97 39.62
CA LEU D 177 -19.53 15.01 40.12
C LEU D 177 -20.01 16.43 40.33
N PRO D 178 -21.06 16.86 39.61
CA PRO D 178 -21.62 18.19 39.85
C PRO D 178 -22.24 18.30 41.23
N SER D 179 -22.43 19.56 41.66
CA SER D 179 -23.04 19.82 42.96
C SER D 179 -24.56 19.85 42.91
N ASP D 180 -25.15 20.17 41.75
CA ASP D 180 -26.59 20.18 41.58
C ASP D 180 -27.19 18.78 41.44
N ALA D 181 -26.36 17.75 41.43
CA ALA D 181 -26.84 16.39 41.16
C ALA D 181 -27.81 15.93 42.24
N GLY D 182 -28.80 15.15 41.82
CA GLY D 182 -29.75 14.59 42.76
C GLY D 182 -29.10 13.61 43.71
N SER D 183 -29.86 13.23 44.74
CA SER D 183 -29.32 12.33 45.75
C SER D 183 -29.32 10.88 45.27
N ASN D 184 -30.35 10.46 44.53
CA ASN D 184 -30.44 9.06 44.13
C ASN D 184 -29.59 8.79 42.90
N ILE D 185 -29.06 7.56 42.82
CA ILE D 185 -28.10 7.17 41.81
C ILE D 185 -28.60 5.92 41.08
N THR D 186 -28.43 5.91 39.76
CA THR D 186 -28.67 4.72 38.96
C THR D 186 -27.47 4.48 38.05
N TYR D 187 -27.31 3.24 37.60
CA TYR D 187 -26.19 2.90 36.74
C TYR D 187 -26.51 1.63 35.98
N ARG D 188 -25.71 1.37 34.95
CA ARG D 188 -25.77 0.12 34.20
C ARG D 188 -24.35 -0.35 33.93
N THR D 189 -24.22 -1.61 33.50
CA THR D 189 -22.92 -2.15 33.12
C THR D 189 -23.05 -2.92 31.81
N ILE D 190 -21.89 -3.17 31.19
CA ILE D 190 -21.80 -3.96 29.97
C ILE D 190 -21.34 -5.36 30.34
N ASN D 191 -22.19 -6.35 30.06
CA ASN D 191 -21.91 -7.74 30.40
C ASN D 191 -20.92 -8.36 29.40
N ASP D 192 -20.63 -9.65 29.62
CA ASP D 192 -19.73 -10.39 28.74
C ASP D 192 -20.24 -10.43 27.30
N TYR D 193 -21.51 -10.12 27.09
CA TYR D 193 -22.13 -10.27 25.78
C TYR D 193 -22.18 -8.98 24.98
N GLY D 194 -21.79 -7.86 25.58
CA GLY D 194 -21.85 -6.57 24.90
C GLY D 194 -23.19 -5.85 24.99
N ALA D 195 -24.06 -6.27 25.91
CA ALA D 195 -25.32 -5.60 26.15
C ALA D 195 -25.30 -4.93 27.51
N LEU D 196 -26.31 -4.10 27.77
CA LEU D 196 -26.43 -3.43 29.06
C LEU D 196 -27.17 -4.30 30.06
N THR D 197 -26.68 -4.30 31.29
CA THR D 197 -27.42 -4.91 32.38
C THR D 197 -28.62 -4.03 32.74
N PRO D 198 -29.59 -4.57 33.48
CA PRO D 198 -30.74 -3.74 33.87
C PRO D 198 -30.31 -2.58 34.76
N LYS D 199 -31.04 -1.47 34.64
CA LYS D 199 -30.74 -0.27 35.44
C LYS D 199 -30.84 -0.61 36.92
N MET D 200 -29.84 -0.15 37.68
CA MET D 200 -29.67 -0.57 39.07
C MET D 200 -29.53 0.63 40.00
N THR D 201 -30.12 0.51 41.19
CA THR D 201 -30.05 1.56 42.18
C THR D 201 -28.63 1.73 42.70
N GLY D 202 -28.09 2.94 42.60
CA GLY D 202 -26.82 3.25 43.22
C GLY D 202 -26.90 3.11 44.73
N VAL D 203 -26.16 2.16 45.28
CA VAL D 203 -26.19 1.86 46.70
C VAL D 203 -24.92 2.40 47.32
N MET D 204 -25.02 3.54 48.01
CA MET D 204 -23.84 4.10 48.66
C MET D 204 -23.49 3.30 49.91
N GLU D 205 -22.21 3.27 50.23
CA GLU D 205 -21.72 2.48 51.36
C GLU D 205 -21.95 3.23 52.67
N THR E 6 -48.81 -45.80 21.67
CA THR E 6 -47.60 -46.23 20.98
C THR E 6 -46.51 -45.15 21.03
N THR E 7 -46.65 -44.23 21.98
CA THR E 7 -45.69 -43.16 22.23
C THR E 7 -44.97 -43.42 23.54
N LEU E 8 -43.65 -43.27 23.54
CA LEU E 8 -42.81 -43.60 24.68
C LEU E 8 -41.98 -42.40 25.09
N PRO E 9 -41.52 -42.36 26.35
CA PRO E 9 -40.64 -41.25 26.78
C PRO E 9 -39.37 -41.24 25.96
N GLY E 10 -38.97 -40.06 25.53
CA GLY E 10 -37.77 -39.85 24.75
C GLY E 10 -36.65 -39.35 25.65
N GLY E 11 -36.58 -38.05 25.86
CA GLY E 11 -35.57 -37.51 26.75
C GLY E 11 -35.65 -36.00 26.83
N ASN E 12 -34.56 -35.40 27.31
CA ASN E 12 -34.42 -33.95 27.43
C ASN E 12 -33.26 -33.48 26.56
N MET E 13 -33.41 -32.28 26.01
CA MET E 13 -32.38 -31.69 25.19
C MET E 13 -32.15 -30.25 25.62
N GLN E 14 -30.90 -29.82 25.50
CA GLN E 14 -30.50 -28.47 25.87
C GLN E 14 -29.76 -27.85 24.70
N PHE E 15 -30.18 -26.66 24.30
CA PHE E 15 -29.53 -25.92 23.24
C PHE E 15 -28.79 -24.76 23.86
N GLN E 16 -27.51 -24.64 23.54
CA GLN E 16 -26.62 -23.72 24.24
C GLN E 16 -25.87 -22.86 23.24
N GLY E 17 -25.90 -21.57 23.47
CA GLY E 17 -25.18 -20.64 22.63
C GLY E 17 -25.32 -19.24 23.21
N VAL E 18 -24.80 -18.27 22.46
CA VAL E 18 -24.78 -16.89 22.91
C VAL E 18 -24.98 -15.98 21.71
N ILE E 19 -25.68 -14.87 21.94
CA ILE E 19 -25.83 -13.80 20.97
C ILE E 19 -24.94 -12.65 21.42
N ILE E 20 -23.93 -12.32 20.60
CA ILE E 20 -22.88 -11.37 20.97
C ILE E 20 -23.08 -10.06 20.23
N ALA E 21 -22.70 -8.96 20.88
CA ALA E 21 -22.62 -7.67 20.21
C ALA E 21 -21.30 -7.57 19.43
N GLU E 22 -21.36 -6.99 18.25
CA GLU E 22 -20.21 -6.86 17.37
C GLU E 22 -19.77 -5.41 17.27
N THR E 23 -18.51 -5.20 16.87
CA THR E 23 -18.03 -3.85 16.66
C THR E 23 -18.64 -3.27 15.39
N CYS E 24 -18.45 -1.97 15.20
CA CYS E 24 -18.93 -1.32 14.00
C CYS E 24 -17.99 -1.61 12.84
N ARG E 25 -18.56 -1.80 11.66
CA ARG E 25 -17.73 -1.79 10.46
C ARG E 25 -17.70 -0.36 9.95
N ILE E 26 -16.52 0.11 9.65
CA ILE E 26 -16.30 1.50 9.29
C ILE E 26 -16.54 1.68 7.80
N GLU E 27 -17.10 2.83 7.45
CA GLU E 27 -17.42 3.17 6.08
C GLU E 27 -17.06 4.64 5.92
N ALA E 28 -15.87 4.90 5.39
CA ALA E 28 -15.49 6.27 5.08
C ALA E 28 -16.37 6.78 3.95
N GLY E 29 -16.97 7.96 4.15
CA GLY E 29 -17.80 8.55 3.11
C GLY E 29 -17.09 8.61 1.77
N ASP E 30 -15.86 9.11 1.78
CA ASP E 30 -14.98 9.00 0.62
C ASP E 30 -14.55 7.54 0.51
N LYS E 31 -15.18 6.81 -0.40
CA LYS E 31 -15.09 5.37 -0.42
C LYS E 31 -13.66 4.90 -0.70
N GLN E 32 -13.36 3.68 -0.22
CA GLN E 32 -12.04 3.05 -0.21
C GLN E 32 -11.11 3.69 0.81
N MET E 33 -11.67 4.40 1.80
CA MET E 33 -10.92 4.98 2.91
C MET E 33 -9.89 6.01 2.45
N THR E 34 -10.20 6.76 1.40
CA THR E 34 -9.25 7.69 0.82
C THR E 34 -9.92 9.04 0.62
N VAL E 35 -9.29 10.10 1.13
CA VAL E 35 -9.84 11.45 1.07
C VAL E 35 -9.03 12.25 0.06
N ASN E 36 -9.70 12.73 -0.99
CA ASN E 36 -9.08 13.54 -2.02
C ASN E 36 -8.66 14.88 -1.43
N MET E 37 -7.36 15.14 -1.39
CA MET E 37 -6.84 16.33 -0.72
C MET E 37 -6.66 17.53 -1.65
N GLY E 38 -6.65 17.32 -2.97
CA GLY E 38 -6.46 18.41 -3.91
C GLY E 38 -5.01 18.81 -4.05
N GLN E 39 -4.75 19.64 -5.08
CA GLN E 39 -3.39 20.03 -5.39
C GLN E 39 -2.85 21.04 -4.40
N ILE E 40 -1.53 21.11 -4.30
CA ILE E 40 -0.84 21.98 -3.38
C ILE E 40 -0.43 23.25 -4.11
N SER E 41 -0.39 24.36 -3.38
CA SER E 41 0.00 25.66 -3.93
C SER E 41 1.37 26.04 -3.39
N SER E 42 2.39 25.96 -4.24
CA SER E 42 3.78 26.23 -3.88
C SER E 42 4.04 27.67 -3.44
N ASN E 43 3.05 28.58 -3.51
CA ASN E 43 3.27 29.98 -3.15
C ASN E 43 2.07 30.60 -2.45
N ARG E 44 1.28 29.80 -1.76
CA ARG E 44 0.14 30.26 -0.97
C ARG E 44 0.26 29.80 0.48
N PHE E 45 1.49 29.78 1.00
CA PHE E 45 1.75 29.46 2.42
C PHE E 45 2.87 30.39 2.88
N HIS E 46 2.49 31.56 3.39
CA HIS E 46 3.46 32.61 3.69
C HIS E 46 4.10 32.42 5.05
N ALA E 47 3.32 32.08 6.07
CA ALA E 47 3.83 31.89 7.41
C ALA E 47 3.58 30.45 7.86
N VAL E 48 4.35 30.03 8.86
CA VAL E 48 4.15 28.71 9.47
C VAL E 48 2.80 28.69 10.16
N GLY E 49 2.00 27.67 9.86
CA GLY E 49 0.74 27.44 10.55
C GLY E 49 -0.50 27.84 9.79
N GLU E 50 -0.35 28.44 8.61
CA GLU E 50 -1.52 28.75 7.80
C GLU E 50 -2.10 27.47 7.20
N ASP E 51 -3.39 27.49 6.95
CA ASP E 51 -4.11 26.33 6.46
C ASP E 51 -4.59 26.54 5.03
N SER E 52 -4.81 25.42 4.34
CA SER E 52 -5.31 25.41 2.98
C SER E 52 -6.83 25.33 3.00
N ALA E 53 -7.42 25.05 1.85
CA ALA E 53 -8.86 24.84 1.78
C ALA E 53 -9.27 23.69 2.71
N PRO E 54 -10.37 23.83 3.43
CA PRO E 54 -10.88 22.72 4.24
C PRO E 54 -11.31 21.56 3.35
N VAL E 55 -10.93 20.35 3.75
CA VAL E 55 -11.32 19.13 3.07
C VAL E 55 -12.08 18.26 4.06
N PRO E 56 -13.42 18.22 3.98
CA PRO E 56 -14.20 17.45 4.94
C PRO E 56 -14.40 16.02 4.50
N PHE E 57 -14.38 15.12 5.48
CA PHE E 57 -14.70 13.72 5.22
C PHE E 57 -15.53 13.20 6.38
N VAL E 58 -16.25 12.12 6.11
CA VAL E 58 -17.15 11.52 7.09
C VAL E 58 -16.71 10.09 7.34
N ILE E 59 -16.94 9.62 8.57
CA ILE E 59 -16.69 8.24 8.95
C ILE E 59 -17.99 7.68 9.50
N HIS E 60 -18.55 6.69 8.81
CA HIS E 60 -19.84 6.11 9.17
C HIS E 60 -19.63 4.83 9.97
N LEU E 61 -20.25 4.77 11.15
CA LEU E 61 -20.28 3.55 11.94
C LEU E 61 -21.51 2.74 11.55
N ARG E 62 -21.31 1.53 11.04
CA ARG E 62 -22.40 0.75 10.48
C ARG E 62 -22.50 -0.61 11.16
N GLU E 63 -23.72 -1.16 11.13
CA GLU E 63 -24.00 -2.54 11.55
C GLU E 63 -23.60 -2.80 13.01
N CYS E 64 -23.88 -1.84 13.89
CA CYS E 64 -23.61 -2.03 15.31
C CYS E 64 -24.70 -1.37 16.13
N SER E 65 -25.03 -1.98 17.27
CA SER E 65 -26.09 -1.44 18.12
C SER E 65 -25.73 -0.03 18.57
N THR E 66 -26.75 0.81 18.71
CA THR E 66 -26.51 2.16 19.19
C THR E 66 -25.85 2.16 20.55
N VAL E 67 -26.02 1.08 21.33
CA VAL E 67 -25.32 0.93 22.59
C VAL E 67 -23.82 0.93 22.37
N VAL E 68 -23.37 0.32 21.28
CA VAL E 68 -21.94 0.20 21.01
C VAL E 68 -21.37 1.49 20.41
N SER E 69 -22.08 2.08 19.43
CA SER E 69 -21.53 3.18 18.66
C SER E 69 -21.48 4.50 19.43
N GLU E 70 -22.36 4.68 20.41
CA GLU E 70 -22.31 5.91 21.18
C GLU E 70 -21.29 5.85 22.30
N ARG E 71 -20.64 4.71 22.53
CA ARG E 71 -19.67 4.57 23.60
C ARG E 71 -18.25 4.40 23.11
N VAL E 72 -18.03 4.34 21.81
CA VAL E 72 -16.70 4.10 21.26
C VAL E 72 -15.86 5.37 21.36
N GLY E 73 -14.54 5.21 21.53
CA GLY E 73 -13.61 6.32 21.56
C GLY E 73 -12.60 6.30 20.44
N VAL E 74 -12.48 7.39 19.69
CA VAL E 74 -11.70 7.38 18.46
C VAL E 74 -10.46 8.25 18.57
N ALA E 75 -9.51 7.99 17.68
CA ALA E 75 -8.23 8.69 17.69
C ALA E 75 -7.54 8.46 16.36
N PHE E 76 -6.89 9.51 15.84
CA PHE E 76 -6.10 9.40 14.62
C PHE E 76 -4.64 9.14 14.97
N HIS E 77 -4.02 8.26 14.21
CA HIS E 77 -2.64 7.86 14.43
C HIS E 77 -1.88 7.90 13.12
N GLY E 78 -0.62 8.28 13.18
CA GLY E 78 0.22 8.27 11.99
C GLY E 78 1.58 8.85 12.26
N VAL E 79 2.43 8.80 11.24
CA VAL E 79 3.76 9.38 11.35
C VAL E 79 3.66 10.89 11.42
N ALA E 80 4.23 11.47 12.46
CA ALA E 80 4.12 12.91 12.65
C ALA E 80 5.12 13.65 11.77
N ASP E 81 4.70 14.81 11.28
CA ASP E 81 5.60 15.70 10.55
C ASP E 81 6.79 16.08 11.42
N GLY E 82 7.97 16.09 10.81
CA GLY E 82 9.21 16.23 11.57
C GLY E 82 9.36 17.57 12.26
N LYS E 83 8.64 18.59 11.82
CA LYS E 83 8.73 19.91 12.44
C LYS E 83 7.51 20.23 13.31
N ASN E 84 6.43 19.47 13.18
CA ASN E 84 5.19 19.72 13.91
C ASN E 84 4.56 18.39 14.28
N PRO E 85 4.83 17.89 15.49
CA PRO E 85 4.34 16.56 15.88
C PRO E 85 2.83 16.46 16.02
N ASP E 86 2.09 17.55 15.84
CA ASP E 86 0.64 17.51 15.97
C ASP E 86 -0.07 17.08 14.69
N VAL E 87 0.68 16.83 13.63
CA VAL E 87 0.13 16.81 12.28
C VAL E 87 0.75 15.65 11.49
N LEU E 88 -0.01 15.11 10.55
CA LEU E 88 0.48 14.01 9.74
C LEU E 88 1.61 14.45 8.82
N SER E 89 2.65 13.63 8.74
CA SER E 89 3.72 13.83 7.77
C SER E 89 3.29 13.39 6.38
N VAL E 90 3.78 14.08 5.35
CA VAL E 90 3.60 13.62 3.98
C VAL E 90 4.88 12.98 3.43
N GLY E 91 5.82 12.64 4.28
CA GLY E 91 6.98 11.93 3.84
C GLY E 91 8.09 12.86 3.40
N GLU E 92 9.15 12.24 2.89
CA GLU E 92 10.33 12.96 2.46
C GLU E 92 10.91 12.27 1.24
N GLY E 93 11.48 13.08 0.35
CA GLY E 93 12.18 12.55 -0.80
C GLY E 93 11.98 13.37 -2.04
N PRO E 94 12.68 12.99 -3.11
CA PRO E 94 12.53 13.72 -4.38
C PRO E 94 11.07 13.71 -4.83
N GLY E 95 10.58 14.90 -5.19
CA GLY E 95 9.21 15.03 -5.64
C GLY E 95 8.19 15.10 -4.55
N ILE E 96 8.60 15.05 -3.28
CA ILE E 96 7.68 15.14 -2.15
C ILE E 96 7.66 16.58 -1.67
N ALA E 97 6.46 17.10 -1.45
CA ALA E 97 6.32 18.47 -0.96
C ALA E 97 7.04 18.63 0.37
N THR E 98 7.56 19.84 0.60
CA THR E 98 8.29 20.14 1.82
C THR E 98 7.58 21.20 2.64
N ASN E 99 7.65 21.04 3.97
CA ASN E 99 7.16 22.00 4.95
C ASN E 99 5.63 22.11 4.95
N ILE E 100 4.93 21.04 4.63
CA ILE E 100 3.50 20.95 4.93
C ILE E 100 3.22 19.60 5.58
N GLY E 101 2.19 19.58 6.43
CA GLY E 101 1.59 18.36 6.89
C GLY E 101 0.09 18.40 6.66
N VAL E 102 -0.57 17.35 7.10
CA VAL E 102 -2.02 17.27 7.05
C VAL E 102 -2.55 17.33 8.47
N ALA E 103 -3.25 18.41 8.79
CA ALA E 103 -3.88 18.60 10.09
C ALA E 103 -5.33 18.15 10.04
N LEU E 104 -5.80 17.62 11.16
CA LEU E 104 -7.17 17.15 11.28
C LEU E 104 -7.93 17.99 12.31
N PHE E 105 -9.24 18.14 12.07
CA PHE E 105 -10.09 18.96 12.91
C PHE E 105 -11.43 18.26 13.11
N ASP E 106 -12.12 18.67 14.18
CA ASP E 106 -13.47 18.17 14.44
C ASP E 106 -14.48 18.99 13.63
N ASP E 107 -15.76 18.61 13.72
CA ASP E 107 -16.78 19.31 12.96
C ASP E 107 -16.96 20.77 13.40
N GLU E 108 -16.38 21.16 14.54
CA GLU E 108 -16.40 22.55 14.94
C GLU E 108 -15.26 23.35 14.30
N GLY E 109 -14.04 22.82 14.33
CA GLY E 109 -12.90 23.49 13.74
C GLY E 109 -11.69 23.52 14.66
N ASN E 110 -11.68 22.64 15.65
CA ASN E 110 -10.59 22.54 16.61
C ASN E 110 -9.62 21.46 16.17
N LEU E 111 -8.32 21.76 16.27
CA LEU E 111 -7.30 20.81 15.88
C LEU E 111 -7.46 19.51 16.64
N VAL E 112 -7.38 18.39 15.92
CA VAL E 112 -7.38 17.06 16.50
C VAL E 112 -5.97 16.51 16.38
N PRO E 113 -5.10 16.75 17.37
CA PRO E 113 -3.71 16.29 17.24
C PRO E 113 -3.64 14.78 17.12
N ILE E 114 -2.77 14.33 16.21
CA ILE E 114 -2.66 12.91 15.99
C ILE E 114 -1.94 12.26 17.16
N ASN E 115 -2.06 10.94 17.23
CA ASN E 115 -1.39 10.12 18.23
C ASN E 115 -1.78 10.54 19.65
N ARG E 116 -3.01 11.00 19.81
CA ARG E 116 -3.51 11.32 21.15
C ARG E 116 -4.44 10.24 21.64
N PRO E 117 -4.73 10.20 22.93
CA PRO E 117 -5.65 9.18 23.46
C PRO E 117 -7.05 9.33 22.89
N PRO E 118 -7.87 8.28 22.99
CA PRO E 118 -9.22 8.35 22.43
C PRO E 118 -10.03 9.52 22.99
N ALA E 119 -10.86 10.09 22.14
CA ALA E 119 -11.80 11.13 22.52
C ALA E 119 -13.21 10.66 22.19
N ASN E 120 -14.18 11.07 23.00
CA ASN E 120 -15.57 10.65 22.84
C ASN E 120 -16.39 11.74 22.19
N TRP E 121 -17.30 11.34 21.31
CA TRP E 121 -18.22 12.24 20.64
C TRP E 121 -19.64 11.71 20.76
N LYS E 122 -20.61 12.54 20.38
CA LYS E 122 -22.03 12.24 20.57
C LYS E 122 -22.43 10.89 20.00
N SER E 128 -23.16 11.15 16.37
CA SER E 128 -24.05 10.02 16.66
C SER E 128 -23.53 8.75 15.98
N THR E 129 -24.16 8.36 14.88
CA THR E 129 -23.76 7.19 14.13
C THR E 129 -22.70 7.49 13.06
N SER E 130 -22.29 8.75 12.93
CA SER E 130 -21.25 9.12 11.97
C SER E 130 -20.58 10.40 12.44
N LEU E 131 -19.27 10.48 12.21
CA LEU E 131 -18.45 11.58 12.72
C LEU E 131 -17.87 12.36 11.55
N HIS E 132 -17.97 13.68 11.62
CA HIS E 132 -17.47 14.54 10.56
C HIS E 132 -16.14 15.16 10.99
N PHE E 133 -15.15 15.11 10.10
CA PHE E 133 -13.86 15.73 10.34
C PHE E 133 -13.51 16.65 9.18
N ILE E 134 -12.40 17.34 9.32
CA ILE E 134 -11.88 18.23 8.30
C ILE E 134 -10.37 18.03 8.20
N ALA E 135 -9.88 17.89 6.98
CA ALA E 135 -8.44 17.77 6.73
C ALA E 135 -7.99 19.03 6.02
N LYS E 136 -6.86 19.58 6.46
CA LYS E 136 -6.28 20.74 5.81
C LYS E 136 -4.77 20.55 5.71
N TYR E 137 -4.17 21.10 4.66
CA TYR E 137 -2.72 21.25 4.60
C TYR E 137 -2.31 22.40 5.49
N ARG E 138 -1.31 22.19 6.34
CA ARG E 138 -0.83 23.21 7.26
C ARG E 138 0.67 23.36 7.13
N ALA E 139 1.14 24.58 6.97
CA ALA E 139 2.57 24.82 6.79
C ALA E 139 3.32 24.50 8.07
N THR E 140 4.44 23.80 7.93
CA THR E 140 5.29 23.48 9.06
C THR E 140 6.65 24.18 8.97
N GLY E 141 6.95 24.80 7.84
CA GLY E 141 8.11 25.65 7.68
C GLY E 141 7.74 26.84 6.82
N ARG E 142 8.68 27.76 6.66
CA ARG E 142 8.33 29.01 6.01
C ARG E 142 8.28 28.87 4.48
N ARG E 143 9.24 28.14 3.90
CA ARG E 143 9.31 28.02 2.45
C ARG E 143 8.73 26.66 2.06
N VAL E 144 7.48 26.67 1.60
CA VAL E 144 6.78 25.46 1.18
C VAL E 144 7.09 25.19 -0.28
N THR E 145 7.67 24.04 -0.58
CA THR E 145 7.91 23.63 -1.96
C THR E 145 6.87 22.59 -2.38
N GLY E 146 6.47 22.65 -3.65
CA GLY E 146 5.42 21.80 -4.13
C GLY E 146 5.86 20.39 -4.42
N GLY E 147 4.89 19.55 -4.76
CA GLY E 147 5.15 18.16 -5.06
C GLY E 147 4.02 17.29 -4.57
N ILE E 148 4.24 15.99 -4.62
CA ILE E 148 3.25 15.03 -4.14
C ILE E 148 3.12 15.19 -2.64
N ALA E 149 1.88 15.10 -2.13
CA ALA E 149 1.60 15.33 -0.72
C ALA E 149 0.50 14.38 -0.25
N ASN E 150 0.85 13.10 -0.10
CA ASN E 150 -0.06 12.10 0.41
C ASN E 150 0.20 11.83 1.88
N ALA E 151 -0.86 11.56 2.62
CA ALA E 151 -0.74 11.24 4.02
C ALA E 151 -1.50 9.96 4.30
N GLN E 152 -1.05 9.24 5.33
CA GLN E 152 -1.70 8.02 5.78
C GLN E 152 -1.98 8.12 7.27
N ALA E 153 -3.22 7.82 7.65
CA ALA E 153 -3.61 7.85 9.05
C ALA E 153 -4.29 6.53 9.41
N TRP E 154 -4.06 6.07 10.62
CA TRP E 154 -4.89 5.03 11.20
C TRP E 154 -5.98 5.68 12.04
N PHE E 155 -7.20 5.21 11.85
CA PHE E 155 -8.34 5.64 12.65
C PHE E 155 -8.66 4.52 13.62
N SER E 156 -8.42 4.76 14.91
CA SER E 156 -8.53 3.71 15.92
C SER E 156 -9.84 3.88 16.67
N LEU E 157 -10.60 2.80 16.77
CA LEU E 157 -11.82 2.76 17.55
C LEU E 157 -11.60 1.87 18.75
N THR E 158 -11.77 2.43 19.95
CA THR E 158 -11.60 1.72 21.20
C THR E 158 -12.98 1.55 21.82
N TYR E 159 -13.38 0.31 22.04
CA TYR E 159 -14.74 -0.01 22.46
C TYR E 159 -14.80 -0.26 23.96
N GLN E 160 -15.82 0.26 24.61
CA GLN E 160 -15.99 0.01 26.04
C GLN E 160 -16.65 -1.34 26.28
N ASN F 12 -40.82 -53.92 26.21
CA ASN F 12 -42.11 -53.85 25.53
C ASN F 12 -42.05 -52.90 24.34
N ALA F 13 -41.30 -51.82 24.47
CA ALA F 13 -41.14 -50.86 23.38
C ALA F 13 -40.13 -51.37 22.37
N ALA F 14 -40.22 -50.84 21.15
CA ALA F 14 -39.40 -51.32 20.04
C ALA F 14 -37.91 -51.11 20.30
N CYS F 15 -37.52 -49.86 20.54
CA CYS F 15 -36.14 -49.52 20.79
C CYS F 15 -36.00 -48.91 22.18
N ALA F 16 -34.77 -48.87 22.66
CA ALA F 16 -34.41 -48.12 23.86
C ALA F 16 -33.65 -46.87 23.44
N VAL F 17 -34.05 -45.72 23.96
CA VAL F 17 -33.37 -44.47 23.63
C VAL F 17 -31.96 -44.51 24.20
N ASP F 18 -30.97 -44.23 23.34
CA ASP F 18 -29.57 -44.28 23.75
C ASP F 18 -29.31 -43.26 24.86
N ALA F 19 -28.34 -43.60 25.73
CA ALA F 19 -27.99 -42.71 26.83
C ALA F 19 -27.45 -41.39 26.32
N GLY F 20 -26.61 -41.41 25.29
CA GLY F 20 -26.10 -40.19 24.70
C GLY F 20 -27.15 -39.29 24.09
N SER F 21 -28.38 -39.77 23.94
CA SER F 21 -29.48 -38.99 23.41
C SER F 21 -30.58 -38.76 24.42
N VAL F 22 -30.58 -39.48 25.54
CA VAL F 22 -31.64 -39.30 26.53
C VAL F 22 -31.50 -37.96 27.23
N ASP F 23 -30.30 -37.39 27.27
CA ASP F 23 -30.09 -36.05 27.80
C ASP F 23 -28.94 -35.42 27.01
N GLN F 24 -29.22 -35.10 25.75
CA GLN F 24 -28.21 -34.54 24.86
C GLN F 24 -28.26 -33.03 24.90
N THR F 25 -27.10 -32.41 24.78
CA THR F 25 -26.99 -30.97 24.65
C THR F 25 -26.33 -30.63 23.32
N VAL F 26 -26.91 -29.67 22.60
CA VAL F 26 -26.42 -29.23 21.30
C VAL F 26 -25.83 -27.83 21.42
N GLN F 27 -24.73 -27.59 20.71
CA GLN F 27 -24.02 -26.32 20.77
C GLN F 27 -24.33 -25.51 19.52
N LEU F 28 -24.96 -24.35 19.70
CA LEU F 28 -25.28 -23.47 18.58
C LEU F 28 -24.23 -22.40 18.33
N GLY F 29 -23.28 -22.21 19.27
CA GLY F 29 -22.19 -21.28 19.06
C GLY F 29 -22.51 -19.82 19.32
N GLN F 30 -21.54 -18.98 18.98
CA GLN F 30 -21.70 -17.53 19.08
C GLN F 30 -22.25 -16.99 17.78
N VAL F 31 -23.19 -16.04 17.89
CA VAL F 31 -23.88 -15.49 16.75
C VAL F 31 -23.99 -13.98 16.92
N ARG F 32 -23.58 -13.23 15.89
CA ARG F 32 -23.63 -11.78 15.95
C ARG F 32 -25.06 -11.28 15.76
N THR F 33 -25.36 -10.14 16.37
CA THR F 33 -26.70 -9.57 16.27
C THR F 33 -27.06 -9.26 14.82
N ALA F 34 -26.08 -8.82 14.02
CA ALA F 34 -26.35 -8.50 12.62
C ALA F 34 -26.88 -9.70 11.87
N SER F 35 -26.41 -10.89 12.20
CA SER F 35 -26.91 -12.12 11.58
C SER F 35 -28.34 -12.44 11.98
N LEU F 36 -28.91 -11.68 12.93
CA LEU F 36 -30.27 -11.89 13.42
C LEU F 36 -30.97 -10.54 13.55
N ALA F 37 -30.89 -9.73 12.51
CA ALA F 37 -31.30 -8.34 12.57
C ALA F 37 -32.78 -8.11 12.29
N GLN F 38 -33.56 -9.16 12.01
CA GLN F 38 -34.94 -8.97 11.60
C GLN F 38 -35.68 -10.30 11.72
N GLU F 39 -37.00 -10.20 11.88
CA GLU F 39 -37.83 -11.39 11.92
C GLU F 39 -37.55 -12.28 10.72
N GLY F 40 -37.33 -13.56 10.98
CA GLY F 40 -37.07 -14.55 9.94
C GLY F 40 -35.60 -14.84 9.71
N ALA F 41 -34.70 -14.12 10.38
CA ALA F 41 -33.28 -14.39 10.23
C ALA F 41 -32.92 -15.66 10.98
N THR F 42 -31.95 -16.39 10.42
CA THR F 42 -31.51 -17.64 11.01
C THR F 42 -30.00 -17.64 11.11
N SER F 43 -29.51 -18.41 12.09
CA SER F 43 -28.10 -18.74 12.16
C SER F 43 -27.85 -20.00 11.34
N SER F 44 -26.56 -20.35 11.20
CA SER F 44 -26.22 -21.61 10.57
C SER F 44 -26.75 -22.77 11.41
N ALA F 45 -27.37 -23.74 10.75
CA ALA F 45 -27.91 -24.89 11.47
C ALA F 45 -26.78 -25.77 11.99
N VAL F 46 -27.05 -26.40 13.13
CA VAL F 46 -26.15 -27.37 13.73
C VAL F 46 -26.89 -28.70 13.79
N GLY F 47 -26.24 -29.76 13.32
CA GLY F 47 -26.88 -31.05 13.32
C GLY F 47 -26.73 -31.78 14.64
N PHE F 48 -27.67 -32.68 14.88
CA PHE F 48 -27.60 -33.61 15.98
C PHE F 48 -28.47 -34.81 15.67
N ASN F 49 -28.17 -35.93 16.32
CA ASN F 49 -28.91 -37.16 16.10
C ASN F 49 -29.56 -37.60 17.41
N ILE F 50 -30.76 -38.15 17.29
CA ILE F 50 -31.37 -38.96 18.33
C ILE F 50 -31.16 -40.42 17.93
N GLN F 51 -30.54 -41.19 18.82
CA GLN F 51 -30.06 -42.52 18.51
C GLN F 51 -30.85 -43.57 19.29
N LEU F 52 -31.25 -44.64 18.60
CA LEU F 52 -31.99 -45.71 19.23
C LEU F 52 -31.17 -46.99 19.19
N ASN F 53 -31.21 -47.74 20.29
CA ASN F 53 -30.44 -48.96 20.44
C ASN F 53 -31.39 -50.15 20.58
N ASP F 54 -30.93 -51.30 20.06
CA ASP F 54 -31.63 -52.58 20.23
C ASP F 54 -33.05 -52.51 19.68
N CYS F 55 -33.16 -52.23 18.39
CA CYS F 55 -34.46 -52.13 17.73
C CYS F 55 -34.87 -53.47 17.15
N ASP F 56 -36.12 -53.86 17.40
CA ASP F 56 -36.67 -55.12 16.94
C ASP F 56 -37.71 -54.81 15.86
N THR F 57 -37.37 -55.10 14.61
CA THR F 57 -38.24 -54.77 13.49
C THR F 57 -39.59 -55.48 13.59
N ASN F 58 -39.63 -56.63 14.27
CA ASN F 58 -40.91 -57.29 14.51
C ASN F 58 -41.85 -56.41 15.33
N VAL F 59 -41.30 -55.68 16.30
CA VAL F 59 -42.13 -54.86 17.18
C VAL F 59 -42.49 -53.55 16.51
N ALA F 60 -41.55 -52.94 15.79
CA ALA F 60 -41.84 -51.71 15.06
C ALA F 60 -40.80 -51.52 13.96
N SER F 61 -41.19 -50.79 12.93
CA SER F 61 -40.37 -50.59 11.75
C SER F 61 -40.13 -49.14 11.40
N LYS F 62 -40.94 -48.21 11.90
CA LYS F 62 -40.72 -46.79 11.69
C LYS F 62 -40.75 -46.08 13.04
N ALA F 63 -40.08 -44.92 13.08
CA ALA F 63 -40.06 -44.12 14.29
C ALA F 63 -40.14 -42.65 13.92
N ALA F 64 -40.64 -41.85 14.86
CA ALA F 64 -40.72 -40.41 14.71
C ALA F 64 -40.55 -39.78 16.07
N VAL F 65 -40.27 -38.49 16.09
CA VAL F 65 -40.00 -37.76 17.31
C VAL F 65 -40.84 -36.48 17.34
N ALA F 66 -41.42 -36.19 18.50
CA ALA F 66 -42.10 -34.92 18.74
C ALA F 66 -41.40 -34.20 19.90
N PHE F 67 -41.28 -32.88 19.79
CA PHE F 67 -40.61 -32.08 20.80
C PHE F 67 -41.61 -31.19 21.53
N LEU F 68 -41.30 -30.92 22.78
CA LEU F 68 -42.16 -30.11 23.64
C LEU F 68 -41.32 -29.08 24.37
N GLY F 69 -41.63 -27.80 24.15
CA GLY F 69 -40.93 -26.72 24.80
C GLY F 69 -41.80 -25.48 24.88
N THR F 70 -41.25 -24.41 25.42
CA THR F 70 -42.00 -23.17 25.56
C THR F 70 -41.77 -22.29 24.34
N ALA F 71 -42.85 -22.02 23.60
CA ALA F 71 -42.72 -21.15 22.43
C ALA F 71 -42.31 -19.76 22.88
N ILE F 72 -41.59 -19.07 22.00
CA ILE F 72 -41.09 -17.75 22.36
C ILE F 72 -42.25 -16.77 22.51
N ASP F 73 -43.27 -16.89 21.66
CA ASP F 73 -44.51 -16.13 21.78
C ASP F 73 -45.58 -16.84 20.99
N ALA F 74 -46.78 -16.25 20.98
CA ALA F 74 -47.93 -16.90 20.34
C ALA F 74 -47.71 -17.07 18.83
N GLY F 75 -47.06 -16.11 18.19
CA GLY F 75 -46.87 -16.20 16.76
C GLY F 75 -45.76 -17.09 16.26
N HIS F 76 -45.10 -17.86 17.14
CA HIS F 76 -43.97 -18.69 16.73
C HIS F 76 -43.99 -20.00 17.50
N THR F 77 -45.02 -20.81 17.27
CA THR F 77 -45.14 -22.08 17.98
C THR F 77 -44.02 -23.06 17.66
N ASN F 78 -43.16 -22.75 16.69
CA ASN F 78 -42.00 -23.59 16.36
C ASN F 78 -40.68 -22.90 16.68
N VAL F 79 -40.67 -22.00 17.66
CA VAL F 79 -39.46 -21.33 18.12
C VAL F 79 -39.39 -21.42 19.64
N LEU F 80 -38.34 -22.07 20.15
CA LEU F 80 -38.16 -22.22 21.58
C LEU F 80 -37.78 -20.89 22.24
N ALA F 81 -38.42 -20.60 23.37
CA ALA F 81 -38.01 -19.46 24.18
C ALA F 81 -36.66 -19.71 24.84
N LEU F 82 -35.88 -18.64 24.99
CA LEU F 82 -34.61 -18.73 25.71
C LEU F 82 -34.84 -18.68 27.20
N GLN F 83 -34.04 -19.44 27.94
CA GLN F 83 -34.19 -19.44 29.39
C GLN F 83 -33.68 -18.12 29.97
N SER F 84 -34.32 -17.66 31.03
CA SER F 84 -33.95 -16.39 31.62
C SER F 84 -32.58 -16.53 32.29
N SER F 85 -31.65 -15.68 31.88
CA SER F 85 -30.30 -15.68 32.42
C SER F 85 -30.15 -14.56 33.42
N ALA F 86 -29.47 -14.86 34.54
CA ALA F 86 -29.27 -13.82 35.56
C ALA F 86 -28.61 -12.59 34.96
N ALA F 87 -27.56 -12.80 34.15
CA ALA F 87 -26.84 -11.71 33.49
C ALA F 87 -27.63 -11.07 32.36
N GLY F 88 -28.73 -11.68 31.94
CA GLY F 88 -29.50 -11.14 30.84
C GLY F 88 -29.48 -12.01 29.61
N SER F 89 -30.65 -12.47 29.21
CA SER F 89 -30.78 -13.30 28.02
C SER F 89 -31.00 -12.44 26.78
N ALA F 90 -30.63 -13.00 25.64
CA ALA F 90 -30.95 -12.36 24.37
C ALA F 90 -32.46 -12.20 24.23
N THR F 91 -32.86 -11.14 23.53
CA THR F 91 -34.27 -10.93 23.22
C THR F 91 -34.48 -11.03 21.72
N ASN F 92 -35.73 -11.32 21.35
CA ASN F 92 -36.18 -11.43 19.96
C ASN F 92 -35.45 -12.53 19.20
N VAL F 93 -35.08 -13.61 19.87
CA VAL F 93 -34.49 -14.76 19.18
C VAL F 93 -34.74 -16.01 20.00
N GLY F 94 -35.03 -17.11 19.30
CA GLY F 94 -35.20 -18.40 19.94
C GLY F 94 -34.62 -19.50 19.09
N VAL F 95 -34.75 -20.73 19.59
CA VAL F 95 -34.15 -21.90 18.98
C VAL F 95 -35.21 -22.68 18.21
N GLN F 96 -34.91 -23.03 16.97
CA GLN F 96 -35.75 -23.92 16.19
C GLN F 96 -35.11 -25.30 16.09
N ILE F 97 -35.96 -26.29 15.82
CA ILE F 97 -35.52 -27.66 15.59
C ILE F 97 -36.05 -28.10 14.23
N LEU F 98 -35.16 -28.52 13.35
CA LEU F 98 -35.52 -28.96 12.02
C LEU F 98 -35.34 -30.46 11.91
N ASP F 99 -36.15 -31.09 11.05
CA ASP F 99 -36.02 -32.52 10.81
C ASP F 99 -35.38 -32.77 9.44
N ARG F 100 -35.37 -34.04 9.04
CA ARG F 100 -34.87 -34.44 7.73
C ARG F 100 -35.43 -33.60 6.60
N THR F 101 -36.67 -33.12 6.74
CA THR F 101 -37.27 -32.25 5.73
C THR F 101 -36.60 -30.88 5.69
N GLY F 102 -36.07 -30.40 6.81
CA GLY F 102 -35.70 -29.01 6.94
C GLY F 102 -36.82 -28.12 7.43
N ALA F 103 -38.01 -28.67 7.65
CA ALA F 103 -39.09 -27.94 8.28
C ALA F 103 -38.86 -27.85 9.77
N ALA F 104 -39.18 -26.69 10.34
CA ALA F 104 -39.06 -26.50 11.78
C ALA F 104 -40.27 -27.11 12.47
N LEU F 105 -40.03 -27.94 13.47
CA LEU F 105 -41.12 -28.66 14.12
C LEU F 105 -41.85 -27.78 15.12
N THR F 106 -43.16 -27.91 15.13
CA THR F 106 -43.94 -27.29 16.18
C THR F 106 -43.64 -27.99 17.50
N LEU F 107 -43.42 -27.17 18.53
CA LEU F 107 -42.89 -27.63 19.81
C LEU F 107 -43.99 -27.94 20.82
N ASP F 108 -45.15 -28.41 20.36
CA ASP F 108 -46.28 -28.68 21.24
C ASP F 108 -46.33 -30.11 21.76
N GLY F 109 -45.28 -30.90 21.53
CA GLY F 109 -45.29 -32.31 21.88
C GLY F 109 -46.21 -33.18 21.05
N ALA F 110 -46.94 -32.60 20.10
CA ALA F 110 -47.94 -33.33 19.32
C ALA F 110 -47.60 -33.42 17.84
N THR F 111 -46.50 -32.81 17.40
CA THR F 111 -46.11 -32.72 16.00
C THR F 111 -44.87 -33.57 15.80
N PHE F 112 -45.03 -34.70 15.12
CA PHE F 112 -43.92 -35.63 14.96
C PHE F 112 -43.14 -35.38 13.67
N SER F 113 -41.84 -35.64 13.74
CA SER F 113 -40.95 -35.45 12.61
C SER F 113 -41.29 -36.42 11.48
N SER F 114 -40.55 -36.28 10.37
CA SER F 114 -40.59 -37.29 9.33
C SER F 114 -40.25 -38.64 9.93
N GLU F 115 -40.94 -39.68 9.47
CA GLU F 115 -40.59 -41.03 9.87
C GLU F 115 -39.24 -41.41 9.29
N THR F 116 -38.46 -42.17 10.05
CA THR F 116 -37.24 -42.77 9.56
C THR F 116 -37.37 -44.28 9.70
N THR F 117 -37.16 -45.00 8.60
CA THR F 117 -37.37 -46.43 8.60
C THR F 117 -36.27 -47.13 9.38
N LEU F 118 -36.67 -48.00 10.31
CA LEU F 118 -35.73 -48.58 11.27
C LEU F 118 -35.07 -49.84 10.72
N ASN F 119 -33.78 -49.97 10.99
CA ASN F 119 -33.04 -51.19 10.74
C ASN F 119 -32.78 -51.86 12.09
N ASN F 120 -33.01 -53.17 12.15
CA ASN F 120 -32.73 -53.97 13.34
C ASN F 120 -31.36 -53.64 13.92
N GLY F 121 -31.33 -53.04 15.12
CA GLY F 121 -30.07 -52.78 15.78
C GLY F 121 -29.90 -51.36 16.29
N THR F 122 -29.21 -50.52 15.51
CA THR F 122 -28.91 -49.16 15.90
C THR F 122 -29.32 -48.22 14.78
N ASN F 123 -30.08 -47.18 15.12
CA ASN F 123 -30.56 -46.21 14.16
C ASN F 123 -30.24 -44.80 14.65
N THR F 124 -29.97 -43.92 13.69
CA THR F 124 -29.70 -42.51 13.97
C THR F 124 -30.71 -41.66 13.21
N ILE F 125 -31.58 -40.99 13.95
CA ILE F 125 -32.57 -40.07 13.38
C ILE F 125 -31.93 -38.68 13.32
N PRO F 126 -31.86 -38.05 12.16
CA PRO F 126 -31.16 -36.76 12.03
C PRO F 126 -32.07 -35.56 12.27
N PHE F 127 -31.49 -34.56 12.94
CA PHE F 127 -32.16 -33.28 13.15
C PHE F 127 -31.16 -32.14 12.98
N GLN F 128 -31.68 -30.91 13.00
CA GLN F 128 -30.86 -29.72 13.04
C GLN F 128 -31.49 -28.72 14.01
N ALA F 129 -30.64 -27.93 14.65
CA ALA F 129 -31.08 -26.84 15.51
C ALA F 129 -30.44 -25.55 15.03
N ARG F 130 -31.16 -24.44 15.23
CA ARG F 130 -30.66 -23.14 14.79
C ARG F 130 -31.42 -22.04 15.52
N TYR F 131 -30.82 -20.85 15.51
CA TYR F 131 -31.49 -19.67 16.05
C TYR F 131 -32.42 -19.06 15.00
N PHE F 132 -33.57 -18.57 15.47
CA PHE F 132 -34.55 -17.93 14.62
C PHE F 132 -34.86 -16.54 15.19
N ALA F 133 -34.66 -15.52 14.37
CA ALA F 133 -34.88 -14.15 14.82
C ALA F 133 -36.36 -13.81 14.73
N THR F 134 -36.92 -13.37 15.84
CA THR F 134 -38.30 -12.95 15.88
C THR F 134 -38.44 -11.45 15.63
N GLY F 135 -37.36 -10.70 15.74
CA GLY F 135 -37.28 -9.29 15.42
C GLY F 135 -35.82 -8.91 15.36
N ALA F 136 -35.49 -7.68 15.73
CA ALA F 136 -34.08 -7.26 15.80
C ALA F 136 -33.49 -7.80 17.11
N ALA F 137 -32.57 -8.75 16.98
CA ALA F 137 -32.07 -9.48 18.15
C ALA F 137 -31.05 -8.67 18.93
N THR F 138 -31.14 -8.77 20.25
CA THR F 138 -30.24 -8.12 21.19
C THR F 138 -29.29 -9.13 21.83
N PRO F 139 -28.14 -8.69 22.31
CA PRO F 139 -27.15 -9.66 22.84
C PRO F 139 -27.60 -10.28 24.14
N GLY F 140 -26.95 -11.39 24.47
CA GLY F 140 -27.25 -12.09 25.71
C GLY F 140 -27.15 -13.59 25.56
N ALA F 141 -27.21 -14.31 26.68
CA ALA F 141 -27.17 -15.76 26.64
C ALA F 141 -28.42 -16.30 25.97
N ALA F 142 -28.26 -17.42 25.24
CA ALA F 142 -29.33 -17.94 24.40
C ALA F 142 -29.41 -19.48 24.55
N ASN F 143 -29.90 -19.93 25.69
CA ASN F 143 -30.09 -21.36 25.93
C ASN F 143 -31.57 -21.71 25.86
N ALA F 144 -31.85 -22.94 25.46
CA ALA F 144 -33.21 -23.40 25.36
C ALA F 144 -33.29 -24.87 25.73
N ASP F 145 -34.41 -25.24 26.34
CA ASP F 145 -34.67 -26.61 26.77
C ASP F 145 -35.80 -27.20 25.95
N ALA F 146 -35.80 -28.52 25.84
CA ALA F 146 -36.94 -29.20 25.24
C ALA F 146 -36.89 -30.67 25.64
N THR F 147 -38.07 -31.22 25.91
CA THR F 147 -38.25 -32.66 25.98
C THR F 147 -38.71 -33.18 24.63
N PHE F 148 -38.46 -34.46 24.40
CA PHE F 148 -38.94 -35.12 23.19
C PHE F 148 -39.46 -36.50 23.55
N LYS F 149 -40.44 -36.98 22.76
CA LYS F 149 -40.91 -38.34 22.83
C LYS F 149 -40.85 -38.99 21.46
N VAL F 150 -40.82 -40.32 21.45
CA VAL F 150 -40.64 -41.12 20.24
C VAL F 150 -41.90 -41.92 20.00
N GLN F 151 -42.37 -41.91 18.75
CA GLN F 151 -43.54 -42.67 18.32
C GLN F 151 -43.08 -43.81 17.42
N TYR F 152 -43.80 -44.93 17.51
CA TYR F 152 -43.48 -46.12 16.74
C TYR F 152 -44.68 -46.55 15.93
N GLN F 153 -44.45 -46.87 14.65
CA GLN F 153 -45.46 -47.27 13.67
C GLN F 153 -46.49 -46.16 13.35
#